data_7PR6
#
_entry.id   7PR6
#
_cell.length_a   167.800
_cell.length_b   76.580
_cell.length_c   125.740
_cell.angle_alpha   90.000
_cell.angle_beta   125.010
_cell.angle_gamma   90.000
#
_symmetry.space_group_name_H-M   'C 1 2 1'
#
loop_
_entity.id
_entity.type
_entity.pdbx_description
1 polymer Beta-glucuronidase
2 non-polymer '(2R,3S,5R,6R)-2,3,4,5,6-pentakis(oxidanyl)cyclohexane-1-carboxylic acid'
3 water water
#
_entity_poly.entity_id   1
_entity_poly.type   'polypeptide(L)'
_entity_poly.pdbx_seq_one_letter_code
;SHMLRPVETPTREIKKLDGLWAFSLDRENCGIDQRWWESALQESRAIAVPGSFNDQFADADIRNYAGNVWYQREVFIPKG
WAGQRIVLRFDAVTHYGKVWVNNQEVMEHQGGYTPFEADVTPYVIAGKSVRITVCVNNELNWQTIPPGMVITDENGKKKQ
SYFHDFFNYAGIHRSVMLYTTPNTWVDDITVVTHVAQDCNHASVDWQVVANGDVSVELRDADQQVVATGQGTSGTLQVVN
PHLWQPGEGYLYELCVTAKSQTECDIYPLRVGIRSVAVKGEQFLINHKPFYFTGFGRHEDADLRGKGFDNVLMVHDHALM
DWIGANSYRTSHYPYAEEMLDWADEHGIVVIDETAAVGFNLSLGIGFEAGNKPKELYSEEAVNGETQQAHLQAIKELIAR
DKNHPSVVMWSIANEPDTRPQGAREYFAPLAEATRKLDPTRPITCVNVMFCDAHTDTISDLFDVLCLNRYYGWYVQSGDL
ETAEKVLEKELLAWQEKLHQPIIITEYGVDTLAGLHSMYTDMWSEEYQCAWLDMYHRVFDRVSAVVGEQVWNFADFATSQ
GILRVGGNKKGIFTRDRKPKSAAFLLQKRWTGMNFGEKPQQ
;
_entity_poly.pdbx_strand_id   AAA,BBB
#
# COMPACT_ATOMS: atom_id res chain seq x y z
N SER A 1 -28.30 -5.81 10.80
CA SER A 1 -27.82 -7.15 10.28
C SER A 1 -26.45 -7.48 10.91
N HIS A 2 -26.23 -8.71 11.35
CA HIS A 2 -25.11 -9.07 12.27
C HIS A 2 -23.76 -8.96 11.52
N MET A 3 -22.76 -8.31 12.11
CA MET A 3 -21.49 -7.97 11.42
C MET A 3 -20.34 -8.03 12.40
N LEU A 4 -19.94 -9.23 12.77
CA LEU A 4 -18.71 -9.50 13.56
C LEU A 4 -17.50 -9.37 12.63
N ARG A 5 -16.39 -8.80 13.07
CA ARG A 5 -15.13 -8.74 12.29
C ARG A 5 -14.59 -10.14 12.14
N PRO A 6 -14.35 -10.65 10.92
CA PRO A 6 -13.68 -11.96 10.74
C PRO A 6 -12.34 -12.03 11.45
N VAL A 7 -12.11 -13.09 12.21
CA VAL A 7 -10.83 -13.37 12.91
C VAL A 7 -10.58 -14.87 12.80
N GLU A 8 -9.30 -15.24 12.65
CA GLU A 8 -8.85 -16.64 12.58
C GLU A 8 -8.86 -17.21 14.00
N THR A 9 -9.49 -18.39 14.12
CA THR A 9 -9.90 -19.05 15.37
C THR A 9 -9.64 -20.54 15.11
N PRO A 10 -9.62 -21.44 16.12
CA PRO A 10 -9.58 -22.87 15.80
C PRO A 10 -10.73 -23.34 14.88
N THR A 11 -11.79 -22.52 14.73
CA THR A 11 -13.05 -22.87 14.03
C THR A 11 -13.31 -21.97 12.81
N ARG A 12 -12.38 -21.07 12.47
CA ARG A 12 -12.62 -19.98 11.49
C ARG A 12 -11.34 -19.72 10.71
N GLU A 13 -11.42 -19.81 9.38
CA GLU A 13 -10.29 -19.43 8.49
C GLU A 13 -10.76 -18.24 7.63
N ILE A 14 -9.80 -17.50 7.08
CA ILE A 14 -9.96 -16.32 6.19
C ILE A 14 -9.01 -16.49 5.01
N LYS A 15 -9.47 -16.15 3.81
CA LYS A 15 -8.62 -16.05 2.61
C LYS A 15 -8.89 -14.70 1.97
N LYS A 16 -7.92 -13.80 2.06
CA LYS A 16 -7.97 -12.43 1.47
C LYS A 16 -8.01 -12.57 -0.05
N LEU A 17 -8.86 -11.81 -0.72
CA LEU A 17 -8.92 -11.73 -2.20
C LEU A 17 -8.26 -10.44 -2.71
N ASP A 18 -7.60 -9.67 -1.84
CA ASP A 18 -6.77 -8.48 -2.19
C ASP A 18 -5.69 -8.89 -3.20
N GLY A 19 -5.27 -7.93 -4.02
CA GLY A 19 -4.34 -8.21 -5.13
C GLY A 19 -4.81 -7.48 -6.37
N LEU A 20 -4.34 -7.92 -7.51
CA LEU A 20 -4.73 -7.38 -8.82
C LEU A 20 -6.07 -8.03 -9.24
N TRP A 21 -7.02 -7.19 -9.63
CA TRP A 21 -8.26 -7.62 -10.31
C TRP A 21 -8.30 -7.07 -11.73
N ALA A 22 -9.20 -7.61 -12.56
CA ALA A 22 -9.57 -7.08 -13.90
C ALA A 22 -10.50 -5.90 -13.67
N PHE A 23 -10.39 -4.87 -14.50
CA PHE A 23 -11.17 -3.63 -14.34
C PHE A 23 -11.57 -3.07 -15.69
N SER A 24 -12.78 -2.53 -15.71
CA SER A 24 -13.42 -2.00 -16.91
C SER A 24 -14.41 -0.91 -16.51
N LEU A 25 -14.39 0.18 -17.26
CA LEU A 25 -15.46 1.19 -17.24
C LEU A 25 -16.65 0.62 -18.03
N ASP A 26 -17.80 1.26 -17.96
CA ASP A 26 -19.01 0.85 -18.70
C ASP A 26 -19.71 2.16 -19.14
N ARG A 27 -19.00 2.93 -19.96
CA ARG A 27 -19.43 4.27 -20.45
C ARG A 27 -20.82 4.19 -21.11
N GLU A 28 -21.17 3.09 -21.78
CA GLU A 28 -22.49 2.93 -22.45
C GLU A 28 -23.50 2.31 -21.49
N ASN A 29 -23.10 1.84 -20.33
CA ASN A 29 -24.05 1.31 -19.33
C ASN A 29 -24.78 0.10 -19.94
N CYS A 30 -24.04 -0.81 -20.55
CA CYS A 30 -24.61 -2.01 -21.17
C CYS A 30 -24.15 -3.28 -20.47
N GLY A 31 -23.51 -3.18 -19.31
CA GLY A 31 -22.87 -4.34 -18.66
C GLY A 31 -23.88 -5.22 -17.94
N ILE A 32 -24.92 -4.63 -17.38
CA ILE A 32 -26.02 -5.43 -16.79
C ILE A 32 -26.82 -6.07 -17.95
N ASP A 33 -27.11 -5.32 -19.02
CA ASP A 33 -27.88 -5.87 -20.18
C ASP A 33 -27.13 -7.03 -20.83
N GLN A 34 -25.80 -6.91 -20.99
CA GLN A 34 -24.92 -7.91 -21.65
C GLN A 34 -24.42 -8.91 -20.61
N ARG A 35 -24.80 -8.78 -19.33
CA ARG A 35 -24.50 -9.80 -18.30
C ARG A 35 -22.98 -10.06 -18.27
N TRP A 36 -22.20 -9.00 -18.06
CA TRP A 36 -20.72 -9.01 -18.12
C TRP A 36 -20.17 -10.04 -17.13
N TRP A 37 -20.98 -10.42 -16.13
CA TRP A 37 -20.55 -11.31 -15.03
C TRP A 37 -20.47 -12.76 -15.52
N GLU A 38 -20.90 -13.06 -16.72
CA GLU A 38 -20.99 -14.45 -17.22
C GLU A 38 -19.66 -14.85 -17.86
N SER A 39 -18.72 -13.91 -18.06
CA SER A 39 -17.42 -14.23 -18.70
C SER A 39 -16.35 -13.28 -18.23
N ALA A 40 -15.10 -13.49 -18.68
CA ALA A 40 -13.96 -12.58 -18.58
C ALA A 40 -14.46 -11.19 -18.94
N LEU A 41 -14.07 -10.14 -18.21
CA LEU A 41 -14.36 -8.76 -18.67
C LEU A 41 -13.59 -8.61 -19.98
N GLN A 42 -14.15 -7.89 -20.95
CA GLN A 42 -13.70 -7.95 -22.37
C GLN A 42 -12.54 -6.99 -22.61
N GLU A 43 -12.66 -5.72 -22.25
CA GLU A 43 -11.63 -4.69 -22.58
C GLU A 43 -11.02 -4.19 -21.28
N SER A 44 -10.40 -5.08 -20.51
CA SER A 44 -10.08 -4.86 -19.08
C SER A 44 -8.63 -4.44 -18.88
N ARG A 45 -8.28 -3.97 -17.68
CA ARG A 45 -6.86 -3.77 -17.30
C ARG A 45 -6.72 -4.12 -15.84
N ALA A 46 -5.49 -4.36 -15.40
CA ALA A 46 -5.18 -4.64 -13.99
C ALA A 46 -5.41 -3.38 -13.12
N ILE A 47 -6.00 -3.62 -11.96
CA ILE A 47 -6.25 -2.63 -10.88
C ILE A 47 -5.89 -3.27 -9.54
N ALA A 48 -5.36 -2.47 -8.62
CA ALA A 48 -5.05 -2.91 -7.24
C ALA A 48 -6.33 -2.82 -6.42
N VAL A 49 -6.62 -3.90 -5.68
CA VAL A 49 -7.66 -4.03 -4.63
C VAL A 49 -6.90 -4.38 -3.34
N PRO A 50 -7.05 -3.59 -2.27
CA PRO A 50 -7.95 -2.43 -2.24
C PRO A 50 -7.29 -1.13 -2.74
N GLY A 51 -8.13 -0.17 -3.13
CA GLY A 51 -7.73 1.16 -3.67
C GLY A 51 -8.92 1.80 -4.32
N SER A 52 -8.97 3.12 -4.35
CA SER A 52 -9.84 3.91 -5.21
C SER A 52 -9.46 3.55 -6.63
N PHE A 53 -10.39 3.57 -7.58
CA PHE A 53 -10.03 3.33 -8.99
C PHE A 53 -9.45 4.61 -9.59
N ASN A 54 -9.79 5.76 -9.02
CA ASN A 54 -9.68 7.08 -9.70
C ASN A 54 -8.23 7.45 -10.08
N ASP A 55 -7.26 7.24 -9.19
CA ASP A 55 -5.91 7.82 -9.37
C ASP A 55 -4.89 6.75 -9.72
N GLN A 56 -5.27 5.47 -9.85
CA GLN A 56 -4.32 4.38 -10.16
C GLN A 56 -3.73 4.55 -11.56
N PHE A 57 -4.40 5.28 -12.45
CA PHE A 57 -4.09 5.22 -13.90
C PHE A 57 -3.51 6.52 -14.45
N ALA A 58 -3.32 7.57 -13.66
CA ALA A 58 -2.85 8.91 -14.13
C ALA A 58 -3.70 9.42 -15.30
N ASP A 59 -4.99 9.10 -15.28
CA ASP A 59 -5.92 9.30 -16.42
C ASP A 59 -7.18 10.06 -15.93
N ALA A 60 -7.29 11.31 -16.35
CA ALA A 60 -8.35 12.29 -16.00
C ALA A 60 -9.73 11.71 -16.32
N ASP A 61 -9.87 11.02 -17.45
CA ASP A 61 -11.14 10.46 -17.96
C ASP A 61 -11.62 9.35 -17.02
N ILE A 62 -10.70 8.55 -16.48
CA ILE A 62 -11.07 7.58 -15.43
C ILE A 62 -11.33 8.32 -14.10
N ARG A 63 -10.48 9.29 -13.71
CA ARG A 63 -10.56 9.95 -12.37
C ARG A 63 -11.96 10.59 -12.25
N ASN A 64 -12.45 11.16 -13.33
CA ASN A 64 -13.66 12.00 -13.35
C ASN A 64 -14.90 11.21 -13.79
N TYR A 65 -14.77 9.90 -13.99
CA TYR A 65 -15.88 9.01 -14.43
C TYR A 65 -17.04 8.96 -13.42
N ALA A 66 -18.27 8.99 -13.95
CA ALA A 66 -19.52 8.81 -13.19
C ALA A 66 -20.34 7.70 -13.86
N GLY A 67 -20.72 6.68 -13.08
CA GLY A 67 -21.48 5.51 -13.54
C GLY A 67 -21.00 4.21 -12.92
N ASN A 68 -21.17 3.12 -13.64
CA ASN A 68 -20.74 1.78 -13.17
C ASN A 68 -19.35 1.50 -13.71
N VAL A 69 -18.53 0.91 -12.84
CA VAL A 69 -17.29 0.19 -13.26
C VAL A 69 -17.39 -1.25 -12.81
N TRP A 70 -16.52 -2.09 -13.38
CA TRP A 70 -16.59 -3.55 -13.23
C TRP A 70 -15.22 -4.08 -12.77
N TYR A 71 -15.24 -4.83 -11.69
CA TYR A 71 -14.09 -5.53 -11.09
C TYR A 71 -14.33 -7.04 -11.27
N GLN A 72 -13.27 -7.82 -11.47
CA GLN A 72 -13.43 -9.29 -11.60
C GLN A 72 -12.09 -9.96 -11.31
N ARG A 73 -12.15 -11.14 -10.69
CA ARG A 73 -10.99 -12.03 -10.54
C ARG A 73 -11.51 -13.46 -10.49
N GLU A 74 -10.59 -14.42 -10.57
CA GLU A 74 -10.91 -15.84 -10.31
C GLU A 74 -10.27 -16.21 -8.97
N VAL A 75 -10.84 -17.15 -8.21
CA VAL A 75 -10.23 -17.63 -6.94
C VAL A 75 -10.60 -19.09 -6.67
N PHE A 76 -9.64 -19.84 -6.12
CA PHE A 76 -9.79 -21.25 -5.69
C PHE A 76 -10.39 -21.28 -4.28
N ILE A 77 -11.44 -22.07 -4.09
CA ILE A 77 -11.97 -22.41 -2.74
C ILE A 77 -11.02 -23.45 -2.14
N PRO A 78 -10.40 -23.19 -0.96
CA PRO A 78 -9.61 -24.20 -0.27
C PRO A 78 -10.34 -25.54 -0.15
N LYS A 79 -9.67 -26.64 -0.50
CA LYS A 79 -10.23 -28.02 -0.53
C LYS A 79 -10.87 -28.39 0.81
N GLY A 80 -10.18 -28.05 1.91
CA GLY A 80 -10.57 -28.39 3.30
C GLY A 80 -11.80 -27.67 3.80
N TRP A 81 -12.36 -26.73 3.04
CA TRP A 81 -13.53 -25.90 3.46
C TRP A 81 -14.84 -26.65 3.20
N ALA A 82 -14.81 -27.76 2.46
CA ALA A 82 -15.96 -28.69 2.27
C ALA A 82 -16.61 -28.94 3.63
N GLY A 83 -17.91 -28.69 3.73
CA GLY A 83 -18.70 -28.94 4.95
C GLY A 83 -18.75 -27.70 5.81
N GLN A 84 -17.92 -26.71 5.49
CA GLN A 84 -17.91 -25.42 6.22
C GLN A 84 -18.92 -24.43 5.62
N ARG A 85 -19.43 -23.58 6.50
CA ARG A 85 -20.16 -22.37 6.11
C ARG A 85 -19.15 -21.40 5.51
N ILE A 86 -19.30 -21.06 4.23
CA ILE A 86 -18.35 -20.18 3.47
C ILE A 86 -19.04 -18.85 3.19
N VAL A 87 -18.45 -17.74 3.66
CA VAL A 87 -18.97 -16.35 3.52
C VAL A 87 -18.05 -15.54 2.61
N LEU A 88 -18.61 -14.77 1.67
CA LEU A 88 -17.83 -13.81 0.85
C LEU A 88 -18.09 -12.44 1.39
N ARG A 89 -17.03 -11.69 1.70
CA ARG A 89 -17.15 -10.40 2.44
C ARG A 89 -16.37 -9.30 1.75
N PHE A 90 -17.02 -8.15 1.60
CA PHE A 90 -16.37 -6.88 1.17
C PHE A 90 -16.39 -5.92 2.35
N ASP A 91 -15.23 -5.45 2.76
CA ASP A 91 -15.17 -4.58 3.96
C ASP A 91 -15.75 -3.22 3.57
N ALA A 92 -15.62 -2.80 2.31
CA ALA A 92 -16.26 -1.56 1.82
C ALA A 92 -16.14 -1.42 0.30
N VAL A 93 -17.28 -1.09 -0.32
CA VAL A 93 -17.37 -0.78 -1.79
C VAL A 93 -18.04 0.56 -1.94
N THR A 94 -17.31 1.54 -2.50
CA THR A 94 -17.78 2.95 -2.57
C THR A 94 -18.32 3.22 -3.96
N HIS A 95 -19.62 3.63 -4.09
CA HIS A 95 -20.63 3.75 -3.03
C HIS A 95 -21.64 2.57 -3.02
N TYR A 96 -21.75 1.87 -4.15
CA TYR A 96 -22.67 0.74 -4.32
C TYR A 96 -21.92 -0.42 -4.99
N GLY A 97 -22.24 -1.65 -4.56
CA GLY A 97 -21.72 -2.87 -5.18
C GLY A 97 -22.79 -3.90 -5.37
N LYS A 98 -22.75 -4.57 -6.51
CA LYS A 98 -23.45 -5.84 -6.73
C LYS A 98 -22.39 -6.87 -7.11
N VAL A 99 -22.55 -8.07 -6.52
CA VAL A 99 -21.54 -9.15 -6.59
C VAL A 99 -22.21 -10.38 -7.20
N TRP A 100 -21.52 -11.01 -8.14
CA TRP A 100 -21.87 -12.33 -8.71
C TRP A 100 -20.73 -13.31 -8.41
N VAL A 101 -21.09 -14.54 -8.01
CA VAL A 101 -20.19 -15.73 -7.98
C VAL A 101 -20.62 -16.60 -9.15
N ASN A 102 -19.73 -16.79 -10.13
CA ASN A 102 -20.05 -17.25 -11.50
C ASN A 102 -21.26 -16.49 -12.06
N ASN A 103 -22.43 -17.13 -12.22
CA ASN A 103 -23.61 -16.42 -12.79
C ASN A 103 -24.68 -16.18 -11.74
N GLN A 104 -24.38 -16.43 -10.47
CA GLN A 104 -25.31 -16.25 -9.34
C GLN A 104 -25.04 -14.89 -8.70
N GLU A 105 -26.06 -14.04 -8.74
CA GLU A 105 -26.14 -12.80 -7.94
C GLU A 105 -26.22 -13.21 -6.46
N VAL A 106 -25.28 -12.74 -5.66
CA VAL A 106 -25.13 -13.18 -4.24
C VAL A 106 -25.37 -12.01 -3.27
N MET A 107 -25.08 -10.77 -3.67
CA MET A 107 -25.07 -9.64 -2.71
C MET A 107 -25.37 -8.37 -3.47
N GLU A 108 -25.86 -7.40 -2.71
CA GLU A 108 -25.92 -5.99 -3.14
C GLU A 108 -25.80 -5.12 -1.90
N HIS A 109 -25.19 -3.94 -2.02
CA HIS A 109 -25.04 -3.00 -0.89
C HIS A 109 -24.96 -1.54 -1.40
N GLN A 110 -25.69 -0.65 -0.72
CA GLN A 110 -25.60 0.84 -0.85
C GLN A 110 -25.02 1.38 0.45
N GLY A 111 -23.95 2.18 0.37
CA GLY A 111 -23.24 2.70 1.54
C GLY A 111 -21.77 2.39 1.41
N GLY A 112 -20.95 3.43 1.19
CA GLY A 112 -19.59 3.20 0.66
C GLY A 112 -18.59 2.76 1.69
N TYR A 113 -18.96 2.56 2.96
CA TYR A 113 -17.94 2.67 4.05
C TYR A 113 -18.17 1.66 5.17
N THR A 114 -19.05 0.67 4.98
CA THR A 114 -19.17 -0.44 5.96
C THR A 114 -19.28 -1.78 5.22
N PRO A 115 -19.07 -2.89 5.92
CA PRO A 115 -19.02 -4.20 5.26
C PRO A 115 -20.36 -4.76 4.81
N PHE A 116 -20.31 -5.60 3.78
CA PHE A 116 -21.43 -6.47 3.37
C PHE A 116 -20.88 -7.83 2.98
N GLU A 117 -21.74 -8.85 3.07
CA GLU A 117 -21.30 -10.26 2.91
C GLU A 117 -22.51 -11.14 2.66
N ALA A 118 -22.30 -12.30 2.03
CA ALA A 118 -23.35 -13.32 1.82
C ALA A 118 -22.75 -14.69 2.08
N ASP A 119 -23.56 -15.57 2.64
CA ASP A 119 -23.26 -17.03 2.66
C ASP A 119 -23.24 -17.51 1.21
N VAL A 120 -22.07 -17.93 0.70
CA VAL A 120 -21.91 -18.45 -0.69
C VAL A 120 -21.68 -19.97 -0.68
N THR A 121 -21.86 -20.65 0.45
CA THR A 121 -21.80 -22.14 0.56
C THR A 121 -22.44 -22.80 -0.66
N PRO A 122 -23.72 -22.49 -1.01
CA PRO A 122 -24.42 -23.22 -2.06
C PRO A 122 -23.91 -22.95 -3.47
N TYR A 123 -23.10 -21.91 -3.70
CA TYR A 123 -22.74 -21.42 -5.04
C TYR A 123 -21.27 -21.70 -5.40
N VAL A 124 -20.51 -22.38 -4.53
CA VAL A 124 -19.07 -22.73 -4.78
C VAL A 124 -18.84 -24.23 -4.49
N ILE A 125 -17.77 -24.81 -5.03
CA ILE A 125 -17.29 -26.18 -4.71
C ILE A 125 -15.83 -26.14 -4.23
N ALA A 126 -15.59 -26.61 -3.00
CA ALA A 126 -14.25 -26.67 -2.37
C ALA A 126 -13.31 -27.38 -3.33
N GLY A 127 -12.16 -26.77 -3.64
CA GLY A 127 -11.13 -27.34 -4.52
C GLY A 127 -11.24 -26.85 -5.97
N LYS A 128 -12.29 -26.06 -6.29
CA LYS A 128 -12.48 -25.47 -7.65
C LYS A 128 -12.42 -23.94 -7.64
N SER A 129 -12.08 -23.37 -8.81
CA SER A 129 -11.97 -21.93 -9.08
C SER A 129 -13.36 -21.36 -9.34
N VAL A 130 -13.69 -20.21 -8.75
CA VAL A 130 -14.94 -19.45 -9.06
C VAL A 130 -14.55 -18.07 -9.61
N ARG A 131 -15.47 -17.47 -10.36
CA ARG A 131 -15.36 -16.10 -10.91
C ARG A 131 -16.22 -15.16 -10.05
N ILE A 132 -15.60 -14.13 -9.49
CA ILE A 132 -16.25 -13.03 -8.74
C ILE A 132 -16.25 -11.79 -9.61
N THR A 133 -17.45 -11.29 -9.92
CA THR A 133 -17.69 -10.03 -10.65
C THR A 133 -18.33 -9.05 -9.68
N VAL A 134 -17.87 -7.78 -9.69
CA VAL A 134 -18.48 -6.68 -8.89
C VAL A 134 -18.80 -5.53 -9.84
N CYS A 135 -20.07 -5.11 -9.82
CA CYS A 135 -20.52 -3.88 -10.48
C CYS A 135 -20.49 -2.82 -9.40
N VAL A 136 -19.67 -1.78 -9.57
CA VAL A 136 -19.47 -0.74 -8.55
C VAL A 136 -19.96 0.56 -9.16
N ASN A 137 -20.76 1.28 -8.39
CA ASN A 137 -21.41 2.51 -8.87
C ASN A 137 -20.98 3.58 -7.87
N ASN A 138 -20.71 4.79 -8.36
CA ASN A 138 -20.17 5.91 -7.57
C ASN A 138 -21.13 7.10 -7.61
N GLU A 139 -22.38 6.89 -8.03
CA GLU A 139 -23.34 8.02 -8.19
C GLU A 139 -24.01 8.33 -6.86
N LEU A 140 -24.10 9.63 -6.54
CA LEU A 140 -24.84 10.15 -5.37
C LEU A 140 -26.13 10.83 -5.85
N ASN A 141 -27.21 10.69 -5.08
CA ASN A 141 -28.53 11.33 -5.29
C ASN A 141 -28.99 11.74 -3.90
N TRP A 142 -30.24 12.18 -3.79
CA TRP A 142 -30.76 12.79 -2.54
C TRP A 142 -31.07 11.72 -1.52
N GLN A 143 -31.05 10.43 -1.92
CA GLN A 143 -31.29 9.32 -0.98
C GLN A 143 -30.00 8.57 -0.68
N THR A 144 -28.84 9.01 -1.17
CA THR A 144 -27.56 8.38 -0.77
C THR A 144 -27.00 9.15 0.42
N ILE A 145 -26.20 8.48 1.23
CA ILE A 145 -25.45 9.00 2.39
C ILE A 145 -23.97 8.86 2.00
N PRO A 146 -23.30 9.94 1.54
CA PRO A 146 -23.82 11.29 1.47
C PRO A 146 -24.62 11.58 0.22
N PRO A 147 -25.40 12.66 0.24
CA PRO A 147 -26.26 13.00 -0.89
C PRO A 147 -25.46 13.75 -1.95
N GLY A 148 -26.06 13.89 -3.12
CA GLY A 148 -25.52 14.60 -4.29
C GLY A 148 -26.58 14.71 -5.37
N MET A 149 -26.21 15.32 -6.50
CA MET A 149 -27.02 15.38 -7.74
C MET A 149 -26.08 15.04 -8.92
N VAL A 150 -26.43 14.00 -9.67
CA VAL A 150 -25.90 13.70 -11.03
C VAL A 150 -26.54 14.69 -12.01
N ILE A 151 -25.72 15.53 -12.65
CA ILE A 151 -26.14 16.41 -13.77
C ILE A 151 -25.77 15.66 -15.04
N THR A 152 -26.78 15.48 -15.89
CA THR A 152 -26.61 14.91 -17.22
C THR A 152 -26.62 16.08 -18.20
N ASP A 153 -25.54 16.23 -18.98
CA ASP A 153 -25.40 17.34 -19.94
C ASP A 153 -26.23 16.99 -21.17
N GLU A 154 -26.30 17.90 -22.12
CA GLU A 154 -27.23 17.78 -23.25
C GLU A 154 -26.83 16.53 -24.06
N ASN A 155 -25.62 16.00 -23.83
CA ASN A 155 -25.11 14.86 -24.66
C ASN A 155 -25.22 13.56 -23.89
N GLY A 156 -25.74 13.59 -22.65
CA GLY A 156 -25.98 12.38 -21.84
C GLY A 156 -24.76 12.07 -21.00
N LYS A 157 -23.81 13.00 -20.95
CA LYS A 157 -22.60 12.79 -20.14
C LYS A 157 -22.93 13.17 -18.69
N LYS A 158 -22.62 12.24 -17.78
CA LYS A 158 -22.90 12.33 -16.33
C LYS A 158 -21.74 13.04 -15.64
N LYS A 159 -22.08 14.00 -14.78
CA LYS A 159 -21.13 14.73 -13.92
C LYS A 159 -21.74 14.76 -12.52
N GLN A 160 -21.00 14.31 -11.50
CA GLN A 160 -21.47 14.26 -10.11
C GLN A 160 -21.32 15.64 -9.44
N SER A 161 -22.46 16.24 -9.07
CA SER A 161 -22.51 17.40 -8.17
C SER A 161 -22.65 16.88 -6.74
N TYR A 162 -21.93 17.46 -5.78
CA TYR A 162 -21.98 17.03 -4.35
C TYR A 162 -21.54 18.20 -3.47
N PHE A 163 -21.85 18.13 -2.16
CA PHE A 163 -21.87 19.33 -1.31
C PHE A 163 -20.78 19.21 -0.22
N HIS A 164 -19.86 18.26 -0.36
CA HIS A 164 -18.79 18.04 0.66
C HIS A 164 -17.40 18.34 0.10
N ASP A 165 -16.48 18.74 0.97
CA ASP A 165 -15.13 19.25 0.64
C ASP A 165 -14.12 18.09 0.71
N PHE A 166 -14.40 17.02 0.01
CA PHE A 166 -13.39 16.01 -0.30
C PHE A 166 -13.78 15.31 -1.58
N PHE A 167 -12.79 14.82 -2.32
CA PHE A 167 -13.01 14.25 -3.66
C PHE A 167 -13.81 12.97 -3.51
N ASN A 168 -14.77 12.80 -4.42
CA ASN A 168 -15.72 11.66 -4.45
C ASN A 168 -15.02 10.45 -5.03
N TYR A 169 -14.01 9.96 -4.33
CA TYR A 169 -13.26 8.74 -4.70
C TYR A 169 -14.21 7.55 -4.59
N ALA A 170 -14.00 6.54 -5.42
CA ALA A 170 -14.86 5.35 -5.48
C ALA A 170 -14.00 4.13 -5.81
N GLY A 171 -14.57 2.95 -5.56
CA GLY A 171 -13.95 1.64 -5.83
C GLY A 171 -14.00 0.72 -4.62
N ILE A 172 -13.25 -0.37 -4.71
CA ILE A 172 -13.15 -1.34 -3.56
C ILE A 172 -11.99 -0.84 -2.68
N HIS A 173 -12.34 -0.03 -1.67
CA HIS A 173 -11.38 0.73 -0.83
C HIS A 173 -10.78 -0.17 0.25
N ARG A 174 -11.40 -1.30 0.56
CA ARG A 174 -10.92 -2.12 1.71
C ARG A 174 -10.98 -3.59 1.30
N SER A 175 -10.49 -4.44 2.20
CA SER A 175 -10.15 -5.84 1.92
C SER A 175 -11.39 -6.58 1.47
N VAL A 176 -11.18 -7.51 0.58
CA VAL A 176 -12.20 -8.49 0.16
C VAL A 176 -11.73 -9.85 0.68
N MET A 177 -12.63 -10.69 1.14
CA MET A 177 -12.19 -11.98 1.70
C MET A 177 -13.29 -13.01 1.62
N LEU A 178 -12.89 -14.27 1.49
CA LEU A 178 -13.72 -15.44 1.86
C LEU A 178 -13.37 -15.84 3.28
N TYR A 179 -14.36 -16.25 4.07
CA TYR A 179 -14.05 -16.79 5.40
C TYR A 179 -15.04 -17.89 5.69
N THR A 180 -14.66 -18.72 6.65
CA THR A 180 -15.43 -19.91 7.06
C THR A 180 -15.86 -19.71 8.52
N THR A 181 -17.02 -20.28 8.81
CA THR A 181 -17.45 -20.71 10.16
C THR A 181 -17.90 -22.17 10.04
N PRO A 182 -18.07 -22.86 11.18
CA PRO A 182 -18.81 -24.11 11.21
C PRO A 182 -20.30 -23.76 10.98
N ASN A 183 -21.12 -24.80 10.77
CA ASN A 183 -22.56 -24.66 10.38
C ASN A 183 -23.40 -24.27 11.62
N THR A 184 -22.78 -24.45 12.82
CA THR A 184 -23.06 -23.75 14.09
C THR A 184 -22.03 -22.63 14.27
N TRP A 185 -22.46 -21.40 14.54
CA TRP A 185 -21.54 -20.23 14.60
C TRP A 185 -22.12 -19.13 15.48
N VAL A 186 -21.21 -18.37 16.11
CA VAL A 186 -21.53 -17.10 16.83
C VAL A 186 -21.74 -16.04 15.75
N ASP A 187 -22.99 -15.58 15.59
CA ASP A 187 -23.41 -14.64 14.52
C ASP A 187 -23.31 -13.20 15.04
N ASP A 188 -23.46 -12.96 16.34
CA ASP A 188 -23.52 -11.57 16.88
C ASP A 188 -23.18 -11.56 18.37
N ILE A 189 -22.56 -10.44 18.82
CA ILE A 189 -22.18 -10.20 20.24
C ILE A 189 -22.37 -8.71 20.51
N THR A 190 -23.04 -8.37 21.60
CA THR A 190 -23.03 -7.01 22.18
C THR A 190 -22.44 -7.16 23.58
N VAL A 191 -21.42 -6.36 23.92
CA VAL A 191 -20.98 -6.19 25.34
C VAL A 191 -21.36 -4.81 25.83
N VAL A 192 -21.64 -4.69 27.11
CA VAL A 192 -21.70 -3.39 27.81
C VAL A 192 -20.78 -3.53 29.03
N THR A 193 -19.81 -2.63 29.18
CA THR A 193 -18.87 -2.65 30.34
C THR A 193 -19.30 -1.55 31.31
N HIS A 194 -19.88 -1.89 32.46
CA HIS A 194 -20.22 -0.95 33.56
C HIS A 194 -19.02 -0.88 34.51
N VAL A 195 -18.82 0.27 35.15
CA VAL A 195 -17.63 0.62 35.97
C VAL A 195 -18.10 1.38 37.19
N ALA A 196 -17.89 0.83 38.38
CA ALA A 196 -18.20 1.49 39.67
C ALA A 196 -17.56 2.87 39.64
N GLN A 197 -18.08 3.80 40.46
CA GLN A 197 -17.60 5.20 40.58
C GLN A 197 -16.14 5.21 41.04
N ASP A 198 -15.84 4.36 42.01
CA ASP A 198 -14.53 4.25 42.70
C ASP A 198 -13.53 3.53 41.79
N CYS A 199 -14.04 2.95 40.69
CA CYS A 199 -13.23 2.32 39.62
C CYS A 199 -12.64 0.96 40.08
N ASN A 200 -13.11 0.43 41.21
CA ASN A 200 -12.50 -0.73 41.91
C ASN A 200 -13.30 -2.00 41.61
N HIS A 201 -14.37 -1.89 40.84
CA HIS A 201 -15.19 -3.04 40.39
C HIS A 201 -15.74 -2.66 39.01
N ALA A 202 -16.02 -3.63 38.16
CA ALA A 202 -16.71 -3.44 36.88
C ALA A 202 -17.56 -4.68 36.62
N SER A 203 -18.59 -4.54 35.79
CA SER A 203 -19.51 -5.62 35.35
C SER A 203 -19.44 -5.65 33.84
N VAL A 204 -19.57 -6.82 33.22
CA VAL A 204 -19.58 -6.91 31.74
C VAL A 204 -20.82 -7.68 31.32
N ASP A 205 -21.82 -6.99 30.79
CA ASP A 205 -23.00 -7.64 30.19
C ASP A 205 -22.57 -8.22 28.85
N TRP A 206 -23.19 -9.33 28.47
CA TRP A 206 -23.01 -9.91 27.12
C TRP A 206 -24.38 -10.27 26.57
N GLN A 207 -24.52 -10.21 25.26
CA GLN A 207 -25.63 -10.81 24.51
C GLN A 207 -25.11 -11.40 23.21
N VAL A 208 -25.45 -12.65 22.94
CA VAL A 208 -24.93 -13.43 21.79
C VAL A 208 -26.10 -13.99 20.98
N VAL A 209 -25.99 -13.95 19.65
CA VAL A 209 -26.90 -14.67 18.72
C VAL A 209 -26.06 -15.78 18.10
N ALA A 210 -26.55 -17.01 18.15
CA ALA A 210 -25.87 -18.18 17.56
C ALA A 210 -26.88 -19.33 17.56
N ASN A 211 -26.74 -20.26 16.61
CA ASN A 211 -27.62 -21.44 16.45
C ASN A 211 -27.12 -22.63 17.31
N GLY A 212 -26.78 -22.40 18.58
CA GLY A 212 -26.18 -23.38 19.51
C GLY A 212 -26.12 -22.88 20.95
N ASP A 213 -25.87 -23.76 21.93
CA ASP A 213 -25.65 -23.36 23.35
C ASP A 213 -24.42 -22.45 23.45
N VAL A 214 -24.51 -21.40 24.28
CA VAL A 214 -23.46 -20.34 24.37
C VAL A 214 -22.86 -20.35 25.77
N SER A 215 -21.52 -20.42 25.82
CA SER A 215 -20.69 -20.14 27.01
C SER A 215 -19.69 -19.03 26.65
N VAL A 216 -19.26 -18.27 27.66
CA VAL A 216 -18.26 -17.19 27.55
C VAL A 216 -17.17 -17.41 28.61
N GLU A 217 -15.92 -17.07 28.26
CA GLU A 217 -14.77 -16.92 29.19
C GLU A 217 -14.18 -15.53 28.97
N LEU A 218 -14.17 -14.68 30.00
CA LEU A 218 -13.41 -13.40 29.98
C LEU A 218 -11.97 -13.65 30.46
N ARG A 219 -10.99 -13.36 29.59
CA ARG A 219 -9.53 -13.55 29.87
C ARG A 219 -8.84 -12.19 29.90
N ASP A 220 -7.92 -12.03 30.86
CA ASP A 220 -7.13 -10.77 30.97
C ASP A 220 -6.01 -10.86 29.95
N ALA A 221 -5.17 -9.83 29.88
CA ALA A 221 -4.12 -9.69 28.85
C ALA A 221 -3.06 -10.78 29.05
N ASP A 222 -3.03 -11.46 30.20
CA ASP A 222 -2.11 -12.60 30.43
C ASP A 222 -2.79 -13.91 30.03
N GLN A 223 -4.04 -13.86 29.59
CA GLN A 223 -4.82 -15.04 29.13
C GLN A 223 -5.30 -15.88 30.34
N GLN A 224 -5.47 -15.25 31.50
CA GLN A 224 -6.05 -15.88 32.71
C GLN A 224 -7.55 -15.57 32.80
N VAL A 225 -8.35 -16.61 32.96
CA VAL A 225 -9.83 -16.57 33.05
C VAL A 225 -10.19 -15.80 34.33
N VAL A 226 -10.88 -14.67 34.21
CA VAL A 226 -11.22 -13.80 35.37
C VAL A 226 -12.74 -13.97 35.66
N ALA A 227 -13.49 -14.59 34.74
CA ALA A 227 -14.97 -14.73 34.74
C ALA A 227 -15.42 -15.70 33.63
N THR A 228 -16.46 -16.49 33.90
CA THR A 228 -17.17 -17.44 33.00
C THR A 228 -18.69 -17.27 33.18
N GLY A 229 -19.46 -17.58 32.14
CA GLY A 229 -20.93 -17.47 32.15
C GLY A 229 -21.51 -18.43 31.13
N GLN A 230 -22.85 -18.51 31.12
CA GLN A 230 -23.59 -19.42 30.22
C GLN A 230 -24.86 -18.67 29.75
N GLY A 231 -25.34 -19.11 28.59
CA GLY A 231 -26.57 -18.62 27.97
C GLY A 231 -26.23 -17.53 26.97
N THR A 232 -27.17 -17.29 26.08
CA THR A 232 -27.17 -16.22 25.05
C THR A 232 -26.99 -14.86 25.73
N SER A 233 -27.40 -14.64 27.00
CA SER A 233 -27.16 -13.31 27.64
C SER A 233 -26.78 -13.45 29.11
N GLY A 234 -26.19 -12.41 29.71
CA GLY A 234 -25.92 -12.36 31.16
C GLY A 234 -24.91 -11.28 31.53
N THR A 235 -24.39 -11.33 32.77
CA THR A 235 -23.43 -10.35 33.35
C THR A 235 -22.23 -11.08 33.98
N LEU A 236 -20.99 -10.70 33.60
CA LEU A 236 -19.74 -11.17 34.27
C LEU A 236 -19.31 -10.11 35.27
N GLN A 237 -19.01 -10.54 36.49
CA GLN A 237 -18.43 -9.67 37.55
C GLN A 237 -16.90 -9.66 37.39
N VAL A 238 -16.25 -8.49 37.48
CA VAL A 238 -14.76 -8.33 37.41
C VAL A 238 -14.25 -7.50 38.60
N VAL A 239 -13.61 -8.18 39.56
CA VAL A 239 -12.99 -7.54 40.75
C VAL A 239 -11.68 -6.86 40.29
N ASN A 240 -11.39 -5.71 40.91
CA ASN A 240 -10.17 -4.88 40.67
C ASN A 240 -9.83 -4.86 39.18
N PRO A 241 -10.78 -4.47 38.31
CA PRO A 241 -10.57 -4.60 36.88
C PRO A 241 -9.46 -3.65 36.39
N HIS A 242 -8.68 -4.07 35.37
CA HIS A 242 -7.73 -3.22 34.60
C HIS A 242 -8.56 -2.44 33.57
N LEU A 243 -8.99 -1.25 33.93
CA LEU A 243 -9.88 -0.42 33.08
C LEU A 243 -9.15 -0.13 31.75
N TRP A 244 -9.92 -0.02 30.66
CA TRP A 244 -9.44 0.58 29.38
C TRP A 244 -9.35 2.09 29.62
N GLN A 245 -8.14 2.63 29.68
CA GLN A 245 -7.86 4.07 29.91
C GLN A 245 -7.26 4.70 28.67
N PRO A 246 -7.70 5.91 28.29
CA PRO A 246 -7.03 6.67 27.25
C PRO A 246 -5.52 6.75 27.50
N GLY A 247 -4.73 6.48 26.46
CA GLY A 247 -3.27 6.51 26.53
C GLY A 247 -2.66 5.15 26.87
N GLU A 248 -3.46 4.13 27.16
CA GLU A 248 -2.97 2.78 27.55
C GLU A 248 -3.77 1.70 26.81
N GLY A 249 -5.09 1.69 26.98
CA GLY A 249 -6.01 0.75 26.28
C GLY A 249 -5.88 -0.72 26.67
N TYR A 250 -5.76 -1.05 27.96
CA TYR A 250 -5.74 -2.47 28.43
C TYR A 250 -7.00 -3.15 27.89
N LEU A 251 -6.81 -4.29 27.21
CA LEU A 251 -7.91 -5.13 26.66
C LEU A 251 -7.97 -6.52 27.32
N TYR A 252 -9.17 -6.93 27.66
CA TYR A 252 -9.55 -8.36 27.90
C TYR A 252 -9.96 -9.01 26.58
N GLU A 253 -10.20 -10.30 26.61
CA GLU A 253 -10.74 -11.09 25.48
C GLU A 253 -11.95 -11.85 26.01
N LEU A 254 -13.11 -11.66 25.38
CA LEU A 254 -14.35 -12.41 25.68
C LEU A 254 -14.43 -13.48 24.59
N CYS A 255 -14.11 -14.71 24.96
CA CYS A 255 -14.20 -15.88 24.06
C CYS A 255 -15.62 -16.41 24.10
N VAL A 256 -16.33 -16.33 22.97
CA VAL A 256 -17.71 -16.83 22.85
C VAL A 256 -17.67 -18.18 22.14
N THR A 257 -18.16 -19.20 22.83
CA THR A 257 -18.30 -20.56 22.26
C THR A 257 -19.79 -20.84 22.01
N ALA A 258 -20.14 -21.17 20.77
CA ALA A 258 -21.42 -21.78 20.38
C ALA A 258 -21.20 -23.28 20.14
N LYS A 259 -21.80 -24.13 20.98
CA LYS A 259 -21.70 -25.62 20.90
C LYS A 259 -23.06 -26.18 20.48
N SER A 260 -23.14 -26.86 19.34
CA SER A 260 -24.30 -27.75 19.02
C SER A 260 -23.95 -29.13 19.52
N GLN A 261 -24.83 -30.11 19.30
CA GLN A 261 -24.56 -31.52 19.64
C GLN A 261 -23.31 -31.96 18.87
N THR A 262 -23.15 -31.50 17.61
CA THR A 262 -22.10 -32.02 16.68
C THR A 262 -20.92 -31.06 16.55
N GLU A 263 -21.12 -29.78 16.25
CA GLU A 263 -19.95 -28.91 15.96
C GLU A 263 -19.97 -27.69 16.85
N CYS A 264 -18.87 -26.94 16.83
CA CYS A 264 -18.75 -25.72 17.66
C CYS A 264 -17.80 -24.71 17.04
N ASP A 265 -17.93 -23.49 17.57
CA ASP A 265 -17.38 -22.25 17.02
C ASP A 265 -16.85 -21.44 18.20
N ILE A 266 -15.67 -20.83 18.03
CA ILE A 266 -15.01 -20.00 19.07
C ILE A 266 -14.75 -18.64 18.43
N TYR A 267 -15.28 -17.57 19.01
CA TYR A 267 -15.02 -16.18 18.54
C TYR A 267 -14.46 -15.37 19.70
N PRO A 268 -13.21 -14.88 19.55
CA PRO A 268 -12.62 -13.99 20.54
C PRO A 268 -12.86 -12.52 20.20
N LEU A 269 -13.49 -11.80 21.11
CA LEU A 269 -13.86 -10.36 21.00
C LEU A 269 -12.98 -9.62 22.01
N ARG A 270 -12.25 -8.63 21.53
CA ARG A 270 -11.44 -7.80 22.44
C ARG A 270 -12.43 -6.86 23.14
N VAL A 271 -12.27 -6.73 24.45
CA VAL A 271 -13.18 -5.95 25.34
C VAL A 271 -12.31 -4.98 26.16
N GLY A 272 -12.61 -3.70 26.06
CA GLY A 272 -11.97 -2.69 26.93
C GLY A 272 -12.96 -2.30 28.00
N ILE A 273 -12.59 -2.41 29.27
CA ILE A 273 -13.57 -2.13 30.36
C ILE A 273 -13.54 -0.62 30.64
N ARG A 274 -14.54 0.10 30.15
CA ARG A 274 -14.55 1.57 30.31
C ARG A 274 -15.99 2.06 30.21
N SER A 275 -16.31 3.09 30.99
CA SER A 275 -17.58 3.84 30.89
C SER A 275 -17.27 5.20 30.28
N VAL A 276 -18.24 5.71 29.54
CA VAL A 276 -18.30 7.07 28.95
C VAL A 276 -19.58 7.71 29.43
N ALA A 277 -19.54 8.99 29.82
CA ALA A 277 -20.77 9.72 30.17
C ALA A 277 -20.50 11.21 30.13
N VAL A 278 -21.52 11.95 29.77
CA VAL A 278 -21.56 13.42 29.91
C VAL A 278 -22.20 13.70 31.25
N LYS A 279 -21.56 14.53 32.07
CA LYS A 279 -22.17 15.19 33.26
C LYS A 279 -21.95 16.72 33.16
N GLY A 280 -23.01 17.51 33.03
CA GLY A 280 -22.90 18.96 32.81
C GLY A 280 -22.12 19.21 31.54
N GLU A 281 -21.02 19.92 31.68
CA GLU A 281 -20.08 20.38 30.64
C GLU A 281 -18.79 19.54 30.65
N GLN A 282 -18.82 18.40 31.29
CA GLN A 282 -17.66 17.47 31.35
C GLN A 282 -18.00 16.23 30.57
N PHE A 283 -17.02 15.78 29.79
CA PHE A 283 -17.00 14.47 29.13
C PHE A 283 -16.14 13.55 30.03
N LEU A 284 -16.78 12.56 30.63
CA LEU A 284 -16.17 11.65 31.61
C LEU A 284 -15.84 10.31 30.94
N ILE A 285 -14.59 9.85 31.07
CA ILE A 285 -14.20 8.46 30.74
C ILE A 285 -13.78 7.81 32.05
N ASN A 286 -14.40 6.71 32.43
CA ASN A 286 -14.05 6.05 33.72
C ASN A 286 -14.16 7.13 34.81
N HIS A 287 -15.28 7.90 34.79
CA HIS A 287 -15.72 8.83 35.87
C HIS A 287 -14.77 10.02 36.06
N LYS A 288 -13.87 10.26 35.10
CA LYS A 288 -12.85 11.31 35.22
C LYS A 288 -13.01 12.21 34.01
N PRO A 289 -12.90 13.55 34.13
CA PRO A 289 -12.98 14.47 32.98
C PRO A 289 -11.86 14.14 31.97
N PHE A 290 -12.20 14.12 30.68
CA PHE A 290 -11.23 13.97 29.59
C PHE A 290 -11.18 15.26 28.76
N TYR A 291 -10.00 15.63 28.28
CA TYR A 291 -9.79 16.73 27.30
C TYR A 291 -9.24 16.12 26.01
N PHE A 292 -10.03 16.21 24.95
CA PHE A 292 -9.66 15.71 23.61
C PHE A 292 -8.60 16.63 22.99
N THR A 293 -7.52 16.04 22.50
CA THR A 293 -6.59 16.69 21.54
C THR A 293 -6.44 15.79 20.30
N GLY A 294 -6.09 16.40 19.18
CA GLY A 294 -5.86 15.63 17.92
C GLY A 294 -6.55 16.25 16.72
N PHE A 295 -7.17 15.43 15.89
CA PHE A 295 -7.45 15.80 14.48
C PHE A 295 -8.84 15.39 13.99
N GLY A 296 -9.38 16.17 13.07
CA GLY A 296 -10.20 15.62 11.99
C GLY A 296 -9.27 14.97 10.94
N ARG A 297 -9.58 13.75 10.50
CA ARG A 297 -8.73 13.05 9.52
C ARG A 297 -9.51 12.94 8.22
N HIS A 298 -8.91 12.26 7.27
CA HIS A 298 -9.57 11.73 6.05
C HIS A 298 -8.85 10.44 5.69
N GLU A 299 -9.50 9.59 4.93
CA GLU A 299 -8.84 8.46 4.26
C GLU A 299 -8.51 8.93 2.86
N ASP A 300 -7.23 9.22 2.67
CA ASP A 300 -6.70 10.02 1.55
C ASP A 300 -5.19 9.85 1.54
N ALA A 301 -4.64 9.49 0.39
CA ALA A 301 -3.20 9.37 0.18
C ALA A 301 -2.95 9.41 -1.31
N ASP A 302 -1.70 9.68 -1.70
CA ASP A 302 -1.30 9.67 -3.12
C ASP A 302 -1.67 8.31 -3.72
N LEU A 303 -2.13 8.33 -4.96
CA LEU A 303 -2.24 7.18 -5.87
C LEU A 303 -3.40 6.26 -5.46
N ARG A 304 -3.58 5.98 -4.18
CA ARG A 304 -4.53 4.92 -3.75
C ARG A 304 -5.88 5.54 -3.35
N GLY A 305 -5.98 6.88 -3.34
CA GLY A 305 -7.20 7.59 -2.89
C GLY A 305 -7.55 7.22 -1.47
N LYS A 306 -8.72 6.63 -1.27
CA LYS A 306 -9.25 6.29 0.07
C LYS A 306 -8.97 4.83 0.38
N GLY A 307 -8.14 4.16 -0.44
CA GLY A 307 -7.82 2.76 -0.18
C GLY A 307 -7.08 2.59 1.14
N PHE A 308 -7.37 1.53 1.87
CA PHE A 308 -6.72 1.17 3.13
C PHE A 308 -5.30 0.72 2.83
N ASP A 309 -4.41 0.98 3.76
CA ASP A 309 -2.98 0.64 3.60
C ASP A 309 -2.27 0.63 4.96
N ASN A 310 -1.67 -0.50 5.30
CA ASN A 310 -1.05 -0.70 6.62
C ASN A 310 0.11 0.28 6.83
N VAL A 311 1.01 0.48 5.86
CA VAL A 311 2.17 1.40 6.06
C VAL A 311 1.68 2.81 6.44
N LEU A 312 0.73 3.36 5.69
CA LEU A 312 0.05 4.65 6.01
C LEU A 312 -0.51 4.62 7.44
N MET A 313 -1.18 3.58 7.82
CA MET A 313 -1.82 3.50 9.16
C MET A 313 -0.68 3.49 10.21
N VAL A 314 0.40 2.76 9.98
CA VAL A 314 1.52 2.70 10.97
C VAL A 314 2.19 4.10 11.06
N HIS A 315 2.49 4.72 9.92
CA HIS A 315 3.19 6.02 9.82
C HIS A 315 2.33 7.12 10.47
N ASP A 316 1.08 7.24 10.07
CA ASP A 316 0.15 8.26 10.63
C ASP A 316 -0.03 8.09 12.14
N HIS A 317 -0.21 6.85 12.65
CA HIS A 317 -0.30 6.67 14.12
C HIS A 317 1.03 7.14 14.75
N ALA A 318 2.18 6.86 14.14
CA ALA A 318 3.45 7.33 14.75
C ALA A 318 3.48 8.88 14.76
N LEU A 319 2.92 9.56 13.74
CA LEU A 319 2.86 11.06 13.72
C LEU A 319 1.88 11.59 14.80
N MET A 320 0.73 10.94 15.01
CA MET A 320 -0.28 11.41 16.00
C MET A 320 0.28 11.24 17.43
N ASP A 321 0.93 10.11 17.67
CA ASP A 321 1.62 9.78 18.95
C ASP A 321 2.70 10.81 19.22
N TRP A 322 3.58 11.05 18.26
CA TRP A 322 4.66 12.06 18.41
C TRP A 322 4.08 13.43 18.78
N ILE A 323 3.04 13.87 18.08
CA ILE A 323 2.56 15.29 18.20
C ILE A 323 1.78 15.42 19.49
N GLY A 324 1.37 14.30 20.12
CA GLY A 324 0.68 14.33 21.41
C GLY A 324 -0.81 14.28 21.26
N ALA A 325 -1.30 13.89 20.10
CA ALA A 325 -2.76 13.76 19.85
C ALA A 325 -3.26 12.56 20.67
N ASN A 326 -4.40 12.70 21.36
CA ASN A 326 -4.98 11.59 22.17
C ASN A 326 -6.27 11.09 21.48
N SER A 327 -6.69 11.68 20.36
CA SER A 327 -8.04 11.43 19.81
C SER A 327 -8.15 11.89 18.37
N TYR A 328 -9.17 11.39 17.65
CA TYR A 328 -9.54 11.89 16.31
C TYR A 328 -11.02 11.61 16.06
N ARG A 329 -11.58 12.23 15.01
CA ARG A 329 -12.95 11.97 14.52
C ARG A 329 -12.86 11.33 13.14
N THR A 330 -13.69 10.34 12.82
CA THR A 330 -13.70 9.70 11.48
C THR A 330 -14.46 10.62 10.52
N SER A 331 -13.96 11.85 10.34
CA SER A 331 -14.49 12.77 9.33
C SER A 331 -14.25 12.17 7.95
N HIS A 332 -15.25 12.13 7.03
CA HIS A 332 -16.68 12.27 7.29
C HIS A 332 -17.41 11.00 6.82
N TYR A 333 -17.01 9.85 7.35
CA TYR A 333 -17.46 8.52 6.90
C TYR A 333 -16.82 7.55 7.85
N PRO A 334 -17.43 6.36 8.06
CA PRO A 334 -16.76 5.32 8.83
C PRO A 334 -15.43 4.96 8.18
N TYR A 335 -14.41 4.81 9.03
CA TYR A 335 -13.04 4.46 8.62
C TYR A 335 -12.90 2.96 8.64
N ALA A 336 -11.85 2.48 7.97
CA ALA A 336 -11.44 1.05 8.00
C ALA A 336 -11.42 0.59 9.44
N GLU A 337 -11.95 -0.62 9.72
CA GLU A 337 -12.10 -1.08 11.11
C GLU A 337 -10.71 -1.30 11.71
N GLU A 338 -9.73 -1.69 10.91
CA GLU A 338 -8.31 -1.75 11.37
C GLU A 338 -7.96 -0.45 12.15
N MET A 339 -8.43 0.69 11.74
CA MET A 339 -8.17 1.93 12.56
C MET A 339 -8.76 1.78 13.98
N LEU A 340 -9.90 1.09 14.13
CA LEU A 340 -10.58 1.09 15.46
C LEU A 340 -9.93 -0.01 16.30
N ASP A 341 -9.47 -1.11 15.67
CA ASP A 341 -8.59 -2.13 16.31
C ASP A 341 -7.32 -1.47 16.81
N TRP A 342 -6.71 -0.59 16.00
CA TRP A 342 -5.51 0.17 16.46
C TRP A 342 -5.87 1.05 17.68
N ALA A 343 -6.91 1.86 17.58
CA ALA A 343 -7.38 2.76 18.69
C ALA A 343 -7.64 1.96 19.97
N ASP A 344 -8.33 0.83 19.85
CA ASP A 344 -8.61 -0.07 21.01
C ASP A 344 -7.29 -0.45 21.70
N GLU A 345 -6.32 -0.89 20.92
CA GLU A 345 -5.06 -1.50 21.43
C GLU A 345 -4.15 -0.43 22.08
N HIS A 346 -4.10 0.78 21.53
CA HIS A 346 -3.19 1.86 22.00
C HIS A 346 -3.97 2.88 22.84
N GLY A 347 -5.27 2.70 23.05
CA GLY A 347 -6.05 3.62 23.90
C GLY A 347 -6.26 4.99 23.28
N ILE A 348 -6.58 5.05 22.00
CA ILE A 348 -6.84 6.33 21.28
C ILE A 348 -8.36 6.51 21.35
N VAL A 349 -8.82 7.70 21.69
CA VAL A 349 -10.27 8.03 21.82
C VAL A 349 -10.80 8.50 20.45
N VAL A 350 -11.91 7.94 20.00
CA VAL A 350 -12.44 8.16 18.63
C VAL A 350 -13.91 8.64 18.70
N ILE A 351 -14.24 9.67 17.92
CA ILE A 351 -15.63 10.07 17.62
C ILE A 351 -15.93 9.41 16.29
N ASP A 352 -16.84 8.44 16.32
CA ASP A 352 -17.18 7.61 15.15
C ASP A 352 -18.28 8.33 14.37
N GLU A 353 -18.01 8.70 13.11
CA GLU A 353 -18.99 9.48 12.32
C GLU A 353 -19.51 8.66 11.14
N THR A 354 -20.79 8.91 10.80
CA THR A 354 -21.42 8.41 9.55
C THR A 354 -20.96 9.22 8.36
N ALA A 355 -21.36 8.75 7.18
CA ALA A 355 -21.07 9.39 5.89
C ALA A 355 -22.04 10.53 5.60
N ALA A 356 -22.92 10.93 6.53
CA ALA A 356 -23.95 11.98 6.29
C ALA A 356 -23.34 13.38 6.45
N VAL A 357 -22.43 13.71 5.55
CA VAL A 357 -22.00 15.10 5.23
C VAL A 357 -22.79 15.57 4.00
N GLY A 358 -22.87 16.89 3.79
CA GLY A 358 -23.44 17.51 2.58
C GLY A 358 -24.90 17.94 2.71
N PHE A 359 -25.53 17.77 3.88
CA PHE A 359 -26.98 18.05 4.05
C PHE A 359 -27.11 19.56 4.18
N ASN A 360 -26.62 20.28 3.16
CA ASN A 360 -26.33 21.73 3.28
C ASN A 360 -26.04 22.27 1.89
N LEU A 361 -26.94 23.12 1.44
CA LEU A 361 -26.92 23.77 0.12
C LEU A 361 -26.38 25.21 0.26
N SER A 362 -25.86 25.63 1.42
CA SER A 362 -25.38 27.02 1.59
C SER A 362 -23.88 27.08 1.89
N LEU A 363 -23.08 26.08 1.56
CA LEU A 363 -21.59 26.18 1.66
C LEU A 363 -21.01 26.48 0.28
N GLY A 364 -19.70 26.74 0.18
CA GLY A 364 -18.99 27.00 -1.10
C GLY A 364 -18.17 25.79 -1.56
N ILE A 365 -18.26 24.68 -0.84
CA ILE A 365 -17.39 23.47 -1.01
C ILE A 365 -18.14 22.43 -1.84
N GLY A 366 -17.46 21.43 -2.39
CA GLY A 366 -18.04 20.39 -3.28
C GLY A 366 -18.05 20.77 -4.76
N PHE A 367 -18.81 20.03 -5.58
CA PHE A 367 -18.96 20.17 -7.06
C PHE A 367 -17.68 19.67 -7.74
N GLY A 370 -24.50 21.52 -11.00
CA GLY A 370 -25.56 22.28 -11.68
C GLY A 370 -26.28 23.19 -10.71
N ASN A 371 -27.62 23.27 -10.79
CA ASN A 371 -28.51 24.15 -9.96
C ASN A 371 -29.11 23.41 -8.74
N LYS A 372 -28.89 23.96 -7.55
CA LYS A 372 -29.34 23.40 -6.23
C LYS A 372 -30.84 23.62 -6.04
N PRO A 373 -31.63 22.67 -5.46
CA PRO A 373 -33.03 22.92 -5.15
C PRO A 373 -33.15 23.97 -4.05
N LYS A 374 -34.31 24.60 -3.97
CA LYS A 374 -34.51 25.80 -3.11
C LYS A 374 -34.80 25.38 -1.68
N GLU A 375 -35.50 24.28 -1.45
CA GLU A 375 -35.78 23.74 -0.10
C GLU A 375 -34.94 22.49 0.15
N LEU A 376 -34.05 22.56 1.15
CA LEU A 376 -33.19 21.44 1.51
C LEU A 376 -34.01 20.24 2.00
N TYR A 377 -35.01 20.47 2.85
CA TYR A 377 -35.90 19.42 3.39
C TYR A 377 -37.22 19.51 2.64
N SER A 378 -37.35 18.77 1.55
CA SER A 378 -38.54 18.72 0.64
C SER A 378 -38.53 17.36 -0.05
N GLU A 379 -39.62 17.05 -0.71
CA GLU A 379 -39.76 15.80 -1.49
C GLU A 379 -38.65 15.73 -2.52
N GLU A 380 -38.21 16.86 -3.07
CA GLU A 380 -37.27 16.90 -4.22
C GLU A 380 -35.85 17.00 -3.70
N ALA A 381 -35.62 16.95 -2.40
CA ALA A 381 -34.24 16.88 -1.83
C ALA A 381 -34.24 15.94 -0.62
N VAL A 382 -33.92 16.42 0.59
CA VAL A 382 -33.85 15.53 1.77
C VAL A 382 -35.28 15.25 2.18
N ASN A 383 -35.72 14.00 2.05
CA ASN A 383 -37.11 13.59 2.22
C ASN A 383 -37.17 12.37 3.14
N GLY A 384 -38.34 11.74 3.22
CA GLY A 384 -38.62 10.53 4.01
C GLY A 384 -37.69 9.40 3.67
N GLU A 385 -37.44 9.16 2.39
CA GLU A 385 -36.52 8.06 1.92
C GLU A 385 -35.09 8.41 2.30
N THR A 386 -34.68 9.70 2.19
CA THR A 386 -33.36 10.11 2.68
C THR A 386 -33.22 9.74 4.16
N GLN A 387 -34.19 10.11 4.98
CA GLN A 387 -34.19 9.88 6.44
C GLN A 387 -34.06 8.37 6.73
N GLN A 388 -34.80 7.53 5.99
CA GLN A 388 -34.68 6.04 6.08
C GLN A 388 -33.23 5.65 5.79
N ALA A 389 -32.63 6.22 4.72
CA ALA A 389 -31.27 5.83 4.28
C ALA A 389 -30.27 6.23 5.36
N HIS A 390 -30.55 7.34 6.03
CA HIS A 390 -29.67 7.87 7.08
C HIS A 390 -29.76 6.94 8.29
N LEU A 391 -30.97 6.58 8.68
CA LEU A 391 -31.19 5.61 9.77
C LEU A 391 -30.42 4.30 9.50
N GLN A 392 -30.53 3.77 8.30
CA GLN A 392 -29.77 2.55 7.84
C GLN A 392 -28.27 2.75 8.00
N ALA A 393 -27.71 3.92 7.61
CA ALA A 393 -26.26 4.22 7.73
C ALA A 393 -25.88 4.23 9.21
N ILE A 394 -26.71 4.83 10.08
CA ILE A 394 -26.42 4.83 11.55
C ILE A 394 -26.46 3.40 12.08
N LYS A 395 -27.45 2.63 11.69
CA LYS A 395 -27.56 1.20 12.16
C LYS A 395 -26.31 0.41 11.77
N GLU A 396 -25.90 0.53 10.52
CA GLU A 396 -24.76 -0.27 10.01
C GLU A 396 -23.48 0.14 10.74
N LEU A 397 -23.26 1.42 11.04
CA LEU A 397 -22.06 1.88 11.74
C LEU A 397 -22.05 1.30 13.13
N ILE A 398 -23.13 1.49 13.87
CA ILE A 398 -23.23 0.99 15.27
C ILE A 398 -23.08 -0.54 15.28
N ALA A 399 -23.74 -1.26 14.34
CA ALA A 399 -23.68 -2.75 14.29
C ALA A 399 -22.21 -3.18 14.11
N ARG A 400 -21.38 -2.35 13.46
CA ARG A 400 -19.96 -2.69 13.20
C ARG A 400 -19.10 -2.35 14.43
N ASP A 401 -19.36 -1.20 15.07
CA ASP A 401 -18.41 -0.51 15.97
C ASP A 401 -18.88 -0.54 17.43
N LYS A 402 -20.09 -1.05 17.71
CA LYS A 402 -20.70 -1.06 19.08
C LYS A 402 -19.74 -1.64 20.15
N ASN A 403 -18.80 -2.50 19.82
CA ASN A 403 -17.96 -3.10 20.90
C ASN A 403 -16.57 -2.50 20.99
N HIS A 404 -16.20 -1.58 20.10
CA HIS A 404 -14.88 -0.89 20.17
C HIS A 404 -14.87 0.05 21.37
N PRO A 405 -14.06 -0.21 22.43
CA PRO A 405 -13.95 0.69 23.57
C PRO A 405 -13.38 2.08 23.18
N SER A 406 -12.53 2.13 22.15
CA SER A 406 -11.99 3.39 21.57
C SER A 406 -13.09 4.36 21.13
N VAL A 407 -14.22 3.85 20.66
CA VAL A 407 -15.34 4.72 20.18
C VAL A 407 -16.10 5.23 21.39
N VAL A 408 -16.04 6.54 21.65
CA VAL A 408 -16.64 7.14 22.87
C VAL A 408 -17.89 7.96 22.54
N MET A 409 -18.22 8.11 21.28
CA MET A 409 -19.34 9.00 20.85
C MET A 409 -19.68 8.73 19.39
N TRP A 410 -20.94 8.86 19.02
CA TRP A 410 -21.45 8.70 17.64
C TRP A 410 -21.72 10.10 17.10
N SER A 411 -21.18 10.43 15.95
CA SER A 411 -21.57 11.66 15.20
C SER A 411 -22.48 11.19 14.06
N ILE A 412 -23.73 11.66 14.01
CA ILE A 412 -24.70 11.11 13.03
C ILE A 412 -24.67 11.92 11.73
N ALA A 413 -24.01 13.06 11.74
CA ALA A 413 -23.82 13.92 10.55
C ALA A 413 -22.82 15.06 10.82
N ASN A 414 -22.33 15.66 9.74
CA ASN A 414 -21.41 16.81 9.76
C ASN A 414 -22.03 17.96 9.01
N GLU A 415 -22.33 19.03 9.73
CA GLU A 415 -22.61 20.39 9.19
C GLU A 415 -23.89 20.39 8.34
N PRO A 416 -25.00 19.81 8.82
CA PRO A 416 -26.31 20.09 8.21
C PRO A 416 -26.74 21.55 8.41
N ASP A 417 -27.50 22.03 7.46
CA ASP A 417 -28.18 23.35 7.52
C ASP A 417 -29.37 23.14 8.41
N THR A 418 -29.35 23.77 9.58
CA THR A 418 -30.44 23.56 10.57
C THR A 418 -31.29 24.79 10.70
N ARG A 419 -31.22 25.72 9.75
CA ARG A 419 -32.07 26.93 9.83
C ARG A 419 -33.54 26.58 9.57
N PRO A 420 -33.88 25.79 8.54
CA PRO A 420 -35.30 25.54 8.23
C PRO A 420 -36.01 24.71 9.30
N GLN A 421 -37.33 24.83 9.34
CA GLN A 421 -38.17 24.02 10.24
C GLN A 421 -37.96 22.52 9.96
N GLY A 422 -37.72 22.13 8.71
CA GLY A 422 -37.60 20.71 8.35
C GLY A 422 -36.46 20.06 9.11
N ALA A 423 -35.50 20.86 9.54
CA ALA A 423 -34.23 20.29 10.06
C ALA A 423 -34.52 19.44 11.31
N ARG A 424 -35.25 19.99 12.27
CA ARG A 424 -35.57 19.30 13.54
C ARG A 424 -36.46 18.09 13.24
N GLU A 425 -37.40 18.23 12.31
CA GLU A 425 -38.32 17.15 11.89
C GLU A 425 -37.53 15.99 11.31
N TYR A 426 -36.46 16.30 10.58
CA TYR A 426 -35.63 15.24 9.99
C TYR A 426 -34.72 14.61 11.06
N PHE A 427 -34.08 15.45 11.88
CA PHE A 427 -33.02 14.99 12.81
C PHE A 427 -33.54 14.38 14.11
N ALA A 428 -34.65 14.84 14.69
CA ALA A 428 -35.19 14.41 15.98
C ALA A 428 -35.31 12.89 16.01
N PRO A 429 -36.02 12.27 15.05
CA PRO A 429 -36.21 10.82 15.10
C PRO A 429 -34.87 10.11 14.93
N LEU A 430 -33.92 10.73 14.27
CA LEU A 430 -32.59 10.11 14.05
C LEU A 430 -31.81 10.10 15.37
N ALA A 431 -31.91 11.20 16.11
CA ALA A 431 -31.31 11.34 17.45
C ALA A 431 -31.89 10.23 18.34
N GLU A 432 -33.22 10.12 18.44
CA GLU A 432 -33.89 9.13 19.30
C GLU A 432 -33.48 7.69 18.91
N ALA A 433 -33.52 7.32 17.63
CA ALA A 433 -33.20 5.95 17.18
C ALA A 433 -31.72 5.63 17.46
N THR A 434 -30.84 6.60 17.39
CA THR A 434 -29.39 6.36 17.66
C THR A 434 -29.25 5.94 19.14
N ARG A 435 -29.95 6.62 20.05
CA ARG A 435 -29.86 6.35 21.50
C ARG A 435 -30.37 4.94 21.77
N LYS A 436 -31.46 4.53 21.10
CA LYS A 436 -32.06 3.18 21.29
C LYS A 436 -31.04 2.13 20.80
N LEU A 437 -30.39 2.37 19.66
CA LEU A 437 -29.41 1.44 19.04
C LEU A 437 -28.22 1.25 19.97
N ASP A 438 -27.70 2.31 20.57
CA ASP A 438 -26.60 2.17 21.57
C ASP A 438 -26.73 3.20 22.68
N PRO A 439 -27.32 2.78 23.80
CA PRO A 439 -27.50 3.65 24.96
C PRO A 439 -26.22 3.88 25.75
N THR A 440 -25.07 3.34 25.34
CA THR A 440 -23.86 3.33 26.20
C THR A 440 -22.94 4.50 25.84
N ARG A 441 -23.24 5.23 24.77
CA ARG A 441 -22.36 6.31 24.27
C ARG A 441 -23.18 7.57 24.03
N PRO A 442 -22.63 8.76 24.31
CA PRO A 442 -23.28 10.00 23.94
C PRO A 442 -23.32 10.15 22.42
N ILE A 443 -24.23 10.99 21.93
CA ILE A 443 -24.35 11.25 20.47
C ILE A 443 -24.06 12.74 20.22
N THR A 444 -23.69 13.05 19.00
CA THR A 444 -23.52 14.43 18.49
C THR A 444 -23.99 14.54 17.05
N CYS A 445 -24.16 15.80 16.62
CA CYS A 445 -24.37 16.15 15.21
C CYS A 445 -23.48 17.37 14.99
N VAL A 446 -22.45 17.25 14.15
CA VAL A 446 -21.39 18.27 14.13
C VAL A 446 -21.96 19.52 13.47
N ASN A 447 -21.67 20.68 14.05
CA ASN A 447 -22.41 21.94 13.82
C ASN A 447 -21.60 22.85 12.88
N VAL A 448 -22.27 23.32 11.83
CA VAL A 448 -21.72 24.28 10.83
C VAL A 448 -21.76 25.69 11.44
N MET A 449 -20.79 26.51 11.03
N MET A 449 -20.80 26.52 11.01
CA MET A 449 -20.45 27.84 11.64
CA MET A 449 -20.48 27.81 11.65
C MET A 449 -21.65 28.78 11.49
C MET A 449 -21.65 28.78 11.49
N PHE A 450 -22.28 28.82 10.33
CA PHE A 450 -23.40 29.78 10.12
C PHE A 450 -24.64 29.38 10.93
N CYS A 451 -24.77 28.13 11.38
CA CYS A 451 -25.83 27.71 12.35
C CYS A 451 -25.29 27.95 13.77
N ASP A 452 -25.17 29.23 14.11
CA ASP A 452 -24.58 29.78 15.37
C ASP A 452 -25.53 29.51 16.54
N ALA A 453 -25.11 29.87 17.75
CA ALA A 453 -25.87 29.62 18.99
C ALA A 453 -27.27 30.24 18.85
N HIS A 454 -27.40 31.36 18.14
CA HIS A 454 -28.69 32.12 18.03
C HIS A 454 -29.54 31.57 16.88
N THR A 455 -29.02 30.66 16.06
CA THR A 455 -29.62 30.25 14.75
C THR A 455 -30.00 28.74 14.74
N ASP A 456 -29.15 27.92 15.33
CA ASP A 456 -29.23 26.44 15.26
C ASP A 456 -30.50 25.96 15.96
N THR A 457 -31.11 24.88 15.43
CA THR A 457 -32.45 24.41 15.89
C THR A 457 -32.39 22.97 16.40
N ILE A 458 -31.26 22.28 16.42
CA ILE A 458 -31.30 20.80 16.73
C ILE A 458 -30.29 20.37 17.82
N SER A 459 -29.33 21.22 18.23
CA SER A 459 -28.19 20.76 19.09
C SER A 459 -28.70 20.34 20.49
N ASP A 460 -29.87 20.80 20.91
CA ASP A 460 -30.44 20.41 22.23
C ASP A 460 -30.76 18.90 22.21
N LEU A 461 -30.97 18.31 21.03
CA LEU A 461 -31.37 16.88 20.94
C LEU A 461 -30.17 15.97 21.13
N PHE A 462 -28.96 16.51 21.29
CA PHE A 462 -27.69 15.74 21.29
C PHE A 462 -27.01 15.96 22.64
N ASP A 463 -25.87 15.30 22.94
CA ASP A 463 -25.30 15.29 24.32
C ASP A 463 -24.06 16.19 24.36
N VAL A 464 -23.34 16.27 23.25
CA VAL A 464 -22.05 17.00 23.15
C VAL A 464 -22.14 17.95 21.96
N LEU A 465 -21.65 19.17 22.16
CA LEU A 465 -21.58 20.23 21.13
C LEU A 465 -20.26 20.17 20.40
N CYS A 466 -20.26 19.62 19.19
CA CYS A 466 -19.11 19.54 18.28
C CYS A 466 -19.25 20.69 17.27
N LEU A 467 -18.45 21.74 17.46
CA LEU A 467 -18.44 22.98 16.64
C LEU A 467 -17.29 22.97 15.66
N ASN A 468 -17.60 23.26 14.42
CA ASN A 468 -16.66 23.45 13.31
C ASN A 468 -16.61 24.98 13.07
N ARG A 469 -15.46 25.56 13.28
CA ARG A 469 -15.30 27.03 13.35
C ARG A 469 -14.02 27.46 12.62
N TYR A 470 -14.14 28.53 11.84
CA TYR A 470 -13.07 29.07 10.96
C TYR A 470 -13.21 30.60 10.84
N TYR A 471 -13.53 31.28 11.96
CA TYR A 471 -13.38 32.75 12.13
C TYR A 471 -11.91 33.06 11.82
N GLY A 472 -11.63 34.11 11.03
CA GLY A 472 -10.28 34.53 10.62
C GLY A 472 -9.84 33.93 9.31
N TRP A 473 -10.71 33.11 8.71
CA TRP A 473 -10.42 32.42 7.43
C TRP A 473 -11.51 32.85 6.44
N TYR A 474 -12.66 32.16 6.41
CA TYR A 474 -13.77 32.38 5.42
C TYR A 474 -14.42 33.72 5.67
N VAL A 475 -14.34 34.23 6.90
CA VAL A 475 -14.84 35.57 7.36
C VAL A 475 -13.81 36.10 8.36
N GLN A 476 -13.87 37.42 8.66
CA GLN A 476 -12.76 38.18 9.33
C GLN A 476 -11.41 37.71 8.74
N SER A 477 -11.34 37.61 7.42
CA SER A 477 -10.19 37.02 6.71
C SER A 477 -8.89 37.72 7.15
N GLY A 478 -7.97 36.97 7.77
CA GLY A 478 -6.61 37.45 8.12
C GLY A 478 -6.57 38.36 9.34
N ASP A 479 -7.70 38.57 10.01
CA ASP A 479 -7.83 39.51 11.15
C ASP A 479 -8.02 38.72 12.46
N LEU A 480 -6.91 38.33 13.11
CA LEU A 480 -6.86 37.52 14.35
C LEU A 480 -7.58 38.21 15.50
N GLU A 481 -7.52 39.55 15.51
CA GLU A 481 -8.05 40.39 16.60
C GLU A 481 -9.58 40.31 16.63
N THR A 482 -10.21 40.45 15.46
CA THR A 482 -11.68 40.40 15.33
C THR A 482 -12.10 38.93 15.50
N ALA A 483 -11.43 38.02 14.80
CA ALA A 483 -11.72 36.59 14.86
C ALA A 483 -11.80 36.16 16.33
N GLU A 484 -10.85 36.57 17.16
CA GLU A 484 -10.71 36.14 18.58
C GLU A 484 -11.95 36.58 19.39
N LYS A 485 -12.35 37.83 19.21
CA LYS A 485 -13.57 38.40 19.83
C LYS A 485 -14.82 37.61 19.42
N VAL A 486 -15.03 37.41 18.14
CA VAL A 486 -16.22 36.71 17.62
C VAL A 486 -16.21 35.27 18.16
N LEU A 487 -15.07 34.61 18.15
CA LEU A 487 -14.97 33.18 18.57
C LEU A 487 -15.36 33.06 20.05
N GLU A 488 -14.72 33.83 20.91
CA GLU A 488 -14.92 33.77 22.37
C GLU A 488 -16.41 34.04 22.65
N LYS A 489 -16.94 35.07 22.00
CA LYS A 489 -18.35 35.46 22.21
C LYS A 489 -19.25 34.26 21.87
N GLU A 490 -18.98 33.57 20.78
CA GLU A 490 -19.90 32.52 20.30
C GLU A 490 -19.76 31.28 21.21
N LEU A 491 -18.57 30.94 21.71
CA LEU A 491 -18.39 29.73 22.54
C LEU A 491 -19.13 29.96 23.84
N LEU A 492 -19.02 31.15 24.41
CA LEU A 492 -19.71 31.49 25.70
C LEU A 492 -21.23 31.48 25.46
N ALA A 493 -21.71 32.00 24.34
CA ALA A 493 -23.17 31.97 24.00
C ALA A 493 -23.61 30.50 23.92
N TRP A 494 -22.79 29.57 23.44
CA TRP A 494 -23.16 28.13 23.35
C TRP A 494 -23.18 27.51 24.75
N GLN A 495 -22.22 27.87 25.59
CA GLN A 495 -22.15 27.37 26.98
C GLN A 495 -23.44 27.82 27.68
N GLU A 496 -23.82 29.09 27.55
CA GLU A 496 -25.03 29.66 28.20
C GLU A 496 -26.26 28.91 27.69
N LYS A 497 -26.33 28.67 26.38
CA LYS A 497 -27.56 28.14 25.73
C LYS A 497 -27.81 26.69 26.15
N LEU A 498 -26.80 25.82 26.14
CA LEU A 498 -27.04 24.35 26.25
C LEU A 498 -26.31 23.75 27.43
N HIS A 499 -25.28 24.40 27.96
CA HIS A 499 -24.51 23.94 29.13
C HIS A 499 -24.07 22.50 28.86
N GLN A 500 -23.61 22.21 27.64
CA GLN A 500 -23.02 20.93 27.22
C GLN A 500 -21.49 21.05 27.17
N PRO A 501 -20.76 19.92 27.16
CA PRO A 501 -19.35 19.93 26.83
C PRO A 501 -19.25 20.34 25.37
N ILE A 502 -18.23 21.16 25.08
CA ILE A 502 -17.94 21.67 23.72
C ILE A 502 -16.62 21.06 23.28
N ILE A 503 -16.66 20.40 22.14
CA ILE A 503 -15.46 19.96 21.38
C ILE A 503 -15.40 20.84 20.11
N ILE A 504 -14.27 21.50 19.89
CA ILE A 504 -14.02 22.14 18.59
C ILE A 504 -13.52 21.05 17.66
N THR A 505 -14.39 20.56 16.75
CA THR A 505 -14.12 19.34 15.93
C THR A 505 -13.50 19.79 14.60
N GLU A 506 -13.33 21.10 14.39
CA GLU A 506 -12.72 21.65 13.18
C GLU A 506 -12.25 23.09 13.44
N TYR A 507 -10.96 23.28 13.33
CA TYR A 507 -10.33 24.63 13.28
C TYR A 507 -9.03 24.43 12.53
N GLY A 508 -8.80 25.26 11.52
CA GLY A 508 -7.73 25.14 10.54
C GLY A 508 -7.82 26.20 9.49
N VAL A 509 -6.69 26.43 8.83
CA VAL A 509 -6.55 27.46 7.75
C VAL A 509 -5.70 26.84 6.65
N ASP A 510 -6.01 27.17 5.40
CA ASP A 510 -5.18 26.68 4.28
C ASP A 510 -3.77 27.24 4.43
N THR A 511 -2.81 26.35 4.26
CA THR A 511 -1.37 26.60 4.51
C THR A 511 -0.58 25.90 3.43
N LEU A 512 0.02 26.68 2.54
CA LEU A 512 0.86 26.10 1.48
C LEU A 512 2.24 25.83 2.09
N ALA A 513 2.62 24.57 2.28
CA ALA A 513 3.99 24.22 2.72
C ALA A 513 5.01 25.05 1.95
N GLY A 514 5.89 25.72 2.65
CA GLY A 514 7.00 26.50 2.07
C GLY A 514 6.63 27.92 1.78
N LEU A 515 5.36 28.32 1.89
CA LEU A 515 4.99 29.75 1.81
C LEU A 515 5.21 30.36 3.18
N HIS A 516 6.13 31.34 3.25
CA HIS A 516 6.59 32.00 4.49
C HIS A 516 6.32 33.48 4.33
N SER A 517 5.97 34.15 5.42
CA SER A 517 5.63 35.58 5.43
C SER A 517 6.03 36.22 6.75
N MET A 518 6.67 37.39 6.67
CA MET A 518 6.92 38.31 7.80
C MET A 518 5.63 39.04 8.20
N TYR A 519 4.58 38.99 7.38
CA TYR A 519 3.32 39.73 7.62
C TYR A 519 2.28 38.81 8.26
N THR A 520 2.63 37.55 8.51
CA THR A 520 1.73 36.56 9.14
C THR A 520 0.35 36.59 8.46
N ASP A 521 0.30 36.37 7.17
CA ASP A 521 -0.94 36.58 6.40
C ASP A 521 -1.33 35.23 5.79
N MET A 522 -2.56 35.22 5.31
CA MET A 522 -3.26 33.99 4.96
C MET A 522 -2.38 33.21 3.99
N TRP A 523 -2.40 31.88 4.12
CA TRP A 523 -1.78 30.83 3.28
C TRP A 523 -0.34 30.56 3.71
N SER A 524 0.23 31.41 4.55
CA SER A 524 1.60 31.22 5.10
C SER A 524 1.64 30.23 6.26
N GLU A 525 2.77 29.55 6.42
CA GLU A 525 3.08 28.69 7.61
C GLU A 525 2.94 29.50 8.91
N GLU A 526 3.33 30.79 8.88
CA GLU A 526 3.33 31.65 10.05
C GLU A 526 1.90 31.94 10.46
N TYR A 527 0.96 32.14 9.51
CA TYR A 527 -0.44 32.44 9.83
C TYR A 527 -1.07 31.19 10.45
N GLN A 528 -0.78 30.02 9.89
CA GLN A 528 -1.30 28.77 10.44
C GLN A 528 -0.98 28.74 11.95
N CYS A 529 0.29 29.04 12.33
CA CYS A 529 0.78 29.02 13.73
C CYS A 529 0.05 30.08 14.57
N ALA A 530 -0.03 31.32 14.11
CA ALA A 530 -0.65 32.45 14.87
C ALA A 530 -2.14 32.20 15.05
N TRP A 531 -2.79 31.66 14.05
CA TRP A 531 -4.25 31.45 14.09
C TRP A 531 -4.58 30.25 15.00
N LEU A 532 -3.82 29.15 14.96
CA LEU A 532 -4.09 28.01 15.89
C LEU A 532 -3.84 28.45 17.32
N ASP A 533 -2.80 29.27 17.49
CA ASP A 533 -2.41 29.78 18.81
C ASP A 533 -3.56 30.64 19.40
N MET A 534 -4.18 31.47 18.58
CA MET A 534 -5.27 32.37 19.03
C MET A 534 -6.47 31.52 19.45
N TYR A 535 -6.81 30.50 18.68
CA TYR A 535 -7.88 29.55 19.04
C TYR A 535 -7.57 28.92 20.39
N HIS A 536 -6.36 28.38 20.59
CA HIS A 536 -5.92 27.72 21.85
C HIS A 536 -6.13 28.65 23.06
N ARG A 537 -5.72 29.92 22.94
CA ARG A 537 -5.83 30.93 24.03
C ARG A 537 -7.30 31.05 24.42
N VAL A 538 -8.20 31.18 23.43
CA VAL A 538 -9.66 31.31 23.64
C VAL A 538 -10.22 30.01 24.26
N PHE A 539 -9.83 28.85 23.77
CA PHE A 539 -10.35 27.56 24.29
C PHE A 539 -10.04 27.49 25.76
N ASP A 540 -8.80 27.81 26.12
CA ASP A 540 -8.32 27.69 27.52
C ASP A 540 -9.07 28.68 28.42
N ARG A 541 -9.73 29.71 27.90
CA ARG A 541 -10.50 30.68 28.77
C ARG A 541 -11.97 30.29 28.88
N VAL A 542 -12.40 29.23 28.21
CA VAL A 542 -13.82 28.79 28.21
C VAL A 542 -13.92 27.43 28.90
N SER A 543 -14.67 27.35 30.04
CA SER A 543 -14.63 26.15 30.91
C SER A 543 -15.32 24.93 30.26
N ALA A 544 -16.22 25.19 29.34
CA ALA A 544 -17.06 24.21 28.64
C ALA A 544 -16.27 23.51 27.53
N VAL A 545 -15.16 24.04 27.10
CA VAL A 545 -14.37 23.42 25.99
C VAL A 545 -13.61 22.24 26.57
N VAL A 546 -13.96 21.05 26.12
CA VAL A 546 -13.36 19.78 26.60
C VAL A 546 -12.53 19.16 25.47
N GLY A 547 -12.33 19.85 24.37
CA GLY A 547 -11.53 19.23 23.28
C GLY A 547 -11.26 20.15 22.13
N GLU A 548 -10.28 19.74 21.31
CA GLU A 548 -9.73 20.45 20.15
C GLU A 548 -9.18 19.39 19.17
N GLN A 549 -9.77 19.33 17.98
CA GLN A 549 -9.37 18.45 16.89
C GLN A 549 -9.11 19.37 15.73
N VAL A 550 -7.84 19.46 15.35
CA VAL A 550 -7.34 20.37 14.30
C VAL A 550 -7.85 19.83 13.00
N TRP A 551 -8.32 20.73 12.14
CA TRP A 551 -8.62 20.43 10.72
C TRP A 551 -7.43 20.85 9.91
N ASN A 552 -6.76 19.91 9.23
CA ASN A 552 -6.94 18.48 9.18
C ASN A 552 -5.53 17.87 9.45
N PHE A 553 -5.45 16.59 9.73
CA PHE A 553 -4.19 15.88 9.93
C PHE A 553 -3.26 16.15 8.74
N ALA A 554 -3.77 16.02 7.52
CA ALA A 554 -2.94 16.14 6.31
C ALA A 554 -3.71 16.72 5.14
N ASP A 555 -3.01 17.45 4.26
CA ASP A 555 -3.55 17.96 2.98
C ASP A 555 -4.26 16.79 2.27
N PHE A 556 -5.39 17.03 1.58
CA PHE A 556 -6.17 15.91 0.96
C PHE A 556 -6.85 16.45 -0.30
N ALA A 557 -7.24 15.53 -1.20
CA ALA A 557 -7.84 15.84 -2.50
C ALA A 557 -9.26 16.34 -2.32
N THR A 558 -9.66 17.25 -3.17
CA THR A 558 -11.03 17.80 -3.28
C THR A 558 -11.41 17.82 -4.76
N SER A 559 -12.70 18.04 -5.03
CA SER A 559 -13.18 18.59 -6.32
C SER A 559 -12.32 19.80 -6.66
N GLN A 560 -12.00 19.95 -7.95
CA GLN A 560 -11.36 21.16 -8.54
C GLN A 560 -12.27 22.37 -8.26
N GLY A 561 -11.69 23.50 -7.89
CA GLY A 561 -12.34 24.81 -7.92
C GLY A 561 -11.39 25.93 -7.53
N ILE A 562 -11.91 27.16 -7.61
CA ILE A 562 -11.17 28.39 -7.29
C ILE A 562 -10.76 28.45 -5.81
N LEU A 563 -11.36 27.67 -4.91
CA LEU A 563 -11.05 27.70 -3.46
C LEU A 563 -9.91 26.74 -3.10
N ARG A 564 -9.49 25.85 -4.02
CA ARG A 564 -8.69 24.67 -3.64
C ARG A 564 -7.49 24.62 -4.54
N VAL A 565 -6.31 24.91 -3.97
CA VAL A 565 -5.00 25.00 -4.69
C VAL A 565 -4.43 23.59 -4.75
N GLY A 566 -4.89 22.81 -5.73
CA GLY A 566 -4.54 21.39 -5.90
C GLY A 566 -5.15 20.57 -4.77
N GLY A 567 -6.16 21.07 -4.06
CA GLY A 567 -6.77 20.31 -2.97
C GLY A 567 -6.92 21.19 -1.74
N ASN A 568 -7.24 20.54 -0.64
CA ASN A 568 -7.43 21.14 0.67
C ASN A 568 -6.05 21.20 1.33
N LYS A 569 -5.58 22.41 1.66
CA LYS A 569 -4.25 22.67 2.25
C LYS A 569 -4.34 23.05 3.73
N LYS A 570 -5.36 22.62 4.43
CA LYS A 570 -5.50 22.83 5.89
C LYS A 570 -4.75 21.78 6.68
N GLY A 571 -3.96 20.94 6.04
CA GLY A 571 -3.21 19.90 6.74
C GLY A 571 -2.18 20.51 7.68
N ILE A 572 -1.90 19.76 8.73
CA ILE A 572 -0.78 19.98 9.64
C ILE A 572 0.44 19.39 8.95
N PHE A 573 0.20 18.31 8.22
CA PHE A 573 1.19 17.59 7.40
C PHE A 573 0.75 17.77 5.95
N THR A 574 1.71 17.63 5.03
CA THR A 574 1.46 17.53 3.59
C THR A 574 0.88 16.13 3.30
N ARG A 575 0.32 15.96 2.12
CA ARG A 575 -0.27 14.65 1.75
C ARG A 575 0.82 13.57 1.81
N ASP A 576 2.05 13.90 1.51
CA ASP A 576 3.21 12.96 1.64
C ASP A 576 3.78 12.95 3.08
N ARG A 577 3.04 13.52 4.04
CA ARG A 577 3.26 13.41 5.50
C ARG A 577 4.48 14.18 6.01
N LYS A 578 4.84 15.25 5.33
CA LYS A 578 5.91 16.16 5.82
C LYS A 578 5.26 17.23 6.67
N PRO A 579 5.90 17.61 7.81
CA PRO A 579 5.33 18.55 8.73
C PRO A 579 5.52 19.99 8.26
N LYS A 580 4.47 20.80 8.43
CA LYS A 580 4.44 22.26 8.35
C LYS A 580 4.86 22.79 9.71
N SER A 581 5.24 24.08 9.84
CA SER A 581 5.71 24.65 11.12
C SER A 581 4.68 24.38 12.22
N ALA A 582 3.39 24.37 11.92
CA ALA A 582 2.30 24.28 12.91
C ALA A 582 2.35 22.90 13.60
N ALA A 583 2.94 21.87 13.00
CA ALA A 583 3.07 20.54 13.64
C ALA A 583 3.87 20.66 14.94
N PHE A 584 4.92 21.49 14.94
CA PHE A 584 5.82 21.73 16.10
C PHE A 584 5.09 22.56 17.16
N LEU A 585 4.28 23.53 16.75
CA LEU A 585 3.36 24.30 17.68
C LEU A 585 2.47 23.27 18.41
N LEU A 586 1.80 22.40 17.69
CA LEU A 586 0.86 21.41 18.32
C LEU A 586 1.60 20.44 19.22
N GLN A 587 2.76 19.99 18.76
CA GLN A 587 3.63 19.09 19.54
C GLN A 587 3.92 19.70 20.92
N LYS A 588 4.34 20.95 20.99
CA LYS A 588 4.63 21.63 22.27
C LYS A 588 3.36 21.77 23.13
N ARG A 589 2.24 22.24 22.57
CA ARG A 589 1.03 22.39 23.41
C ARG A 589 0.56 21.01 23.92
N TRP A 590 0.46 20.03 23.04
CA TRP A 590 -0.17 18.74 23.36
C TRP A 590 0.74 17.84 24.20
N THR A 591 2.06 17.87 24.04
CA THR A 591 2.97 17.06 24.89
C THR A 591 3.28 17.84 26.16
N GLY A 592 3.11 19.16 26.18
CA GLY A 592 3.35 19.99 27.36
C GLY A 592 2.16 19.96 28.34
N MET A 593 0.94 19.69 27.90
CA MET A 593 -0.15 19.61 28.88
C MET A 593 -0.04 18.27 29.66
N ASN A 594 -0.78 18.16 30.77
CA ASN A 594 -1.02 16.86 31.44
C ASN A 594 -1.97 16.02 30.59
N PHE A 595 -1.66 14.74 30.44
CA PHE A 595 -2.42 13.84 29.57
C PHE A 595 -3.92 13.93 29.93
N GLY A 596 -4.79 14.16 28.93
CA GLY A 596 -6.27 14.17 29.07
C GLY A 596 -6.79 15.31 29.93
N GLU A 597 -6.03 16.36 30.18
CA GLU A 597 -6.45 17.44 31.11
C GLU A 597 -6.42 18.82 30.44
N LYS A 598 -7.54 19.53 30.53
CA LYS A 598 -7.74 20.88 29.94
C LYS A 598 -6.54 21.76 30.24
N PRO A 599 -5.85 22.37 29.24
CA PRO A 599 -4.69 23.20 29.53
C PRO A 599 -5.03 24.40 30.42
N GLN A 600 -4.03 25.19 30.81
CA GLN A 600 -4.26 26.46 31.57
C GLN A 600 -3.38 27.61 31.10
N GLN A 601 -3.91 28.83 31.33
CA GLN A 601 -3.47 30.15 30.83
C GLN A 601 -2.13 30.52 31.50
N SER B 1 18.01 -24.45 -4.23
CA SER B 1 18.20 -23.69 -5.50
C SER B 1 16.87 -23.56 -6.27
N HIS B 2 16.10 -24.67 -6.42
CA HIS B 2 14.84 -24.76 -7.20
C HIS B 2 13.81 -23.78 -6.59
N MET B 3 13.30 -22.85 -7.40
CA MET B 3 12.50 -21.70 -6.89
C MET B 3 11.40 -21.40 -7.90
N LEU B 4 10.30 -22.14 -7.81
CA LEU B 4 9.10 -21.89 -8.64
C LEU B 4 8.23 -20.87 -7.90
N ARG B 5 7.69 -19.91 -8.64
CA ARG B 5 6.76 -18.87 -8.13
C ARG B 5 5.49 -19.58 -7.64
N PRO B 6 5.11 -19.51 -6.35
CA PRO B 6 3.86 -20.09 -5.90
C PRO B 6 2.64 -19.51 -6.64
N VAL B 7 1.77 -20.41 -7.10
CA VAL B 7 0.51 -20.09 -7.82
C VAL B 7 -0.51 -21.11 -7.31
N GLU B 8 -1.77 -20.68 -7.22
CA GLU B 8 -2.90 -21.56 -6.82
C GLU B 8 -3.30 -22.45 -8.01
N THR B 9 -3.42 -23.73 -7.74
CA THR B 9 -3.81 -24.76 -8.72
C THR B 9 -4.81 -25.70 -8.04
N PRO B 10 -5.37 -26.73 -8.72
CA PRO B 10 -6.17 -27.71 -8.02
C PRO B 10 -5.39 -28.44 -6.91
N THR B 11 -4.05 -28.33 -6.90
CA THR B 11 -3.13 -29.16 -6.06
C THR B 11 -2.24 -28.25 -5.19
N ARG B 12 -2.49 -26.93 -5.20
CA ARG B 12 -1.60 -25.95 -4.54
C ARG B 12 -2.45 -24.84 -3.95
N GLU B 13 -2.32 -24.62 -2.64
CA GLU B 13 -2.94 -23.40 -2.03
C GLU B 13 -1.81 -22.48 -1.49
N ILE B 14 -2.17 -21.23 -1.21
CA ILE B 14 -1.31 -20.15 -0.66
C ILE B 14 -2.09 -19.39 0.42
N LYS B 15 -1.41 -19.10 1.52
CA LYS B 15 -1.89 -18.21 2.59
C LYS B 15 -0.84 -17.13 2.82
N LYS B 16 -1.13 -15.91 2.39
CA LYS B 16 -0.23 -14.74 2.59
C LYS B 16 -0.17 -14.43 4.10
N LEU B 17 1.00 -14.08 4.59
CA LEU B 17 1.20 -13.69 6.00
C LEU B 17 1.37 -12.15 6.08
N ASP B 18 1.15 -11.42 4.98
CA ASP B 18 1.29 -9.94 4.89
C ASP B 18 0.31 -9.30 5.90
N GLY B 19 0.65 -8.11 6.42
CA GLY B 19 -0.22 -7.48 7.44
C GLY B 19 0.64 -6.87 8.52
N LEU B 20 0.06 -6.69 9.70
CA LEU B 20 0.78 -6.13 10.84
C LEU B 20 1.57 -7.27 11.53
N TRP B 21 2.86 -7.09 11.74
CA TRP B 21 3.66 -7.93 12.66
C TRP B 21 4.16 -7.13 13.88
N ALA B 22 4.62 -7.86 14.90
CA ALA B 22 5.31 -7.29 16.09
C ALA B 22 6.74 -6.98 15.67
N PHE B 23 7.31 -5.90 16.17
CA PHE B 23 8.65 -5.43 15.68
C PHE B 23 9.44 -4.85 16.86
N SER B 24 10.76 -5.08 16.82
CA SER B 24 11.66 -4.76 17.94
C SER B 24 13.07 -4.54 17.40
N LEU B 25 13.69 -3.44 17.80
CA LEU B 25 15.14 -3.24 17.61
C LEU B 25 15.86 -4.14 18.62
N ASP B 26 17.15 -4.35 18.43
CA ASP B 26 17.98 -5.16 19.35
C ASP B 26 19.30 -4.41 19.52
N ARG B 27 19.24 -3.18 20.05
CA ARG B 27 20.42 -2.29 20.24
C ARG B 27 21.51 -3.01 21.09
N GLU B 28 21.15 -3.88 22.04
CA GLU B 28 22.10 -4.62 22.89
C GLU B 28 22.57 -5.89 22.19
N ASN B 29 21.94 -6.28 21.09
CA ASN B 29 22.39 -7.47 20.32
C ASN B 29 22.36 -8.72 21.21
N CYS B 30 21.31 -8.87 21.99
CA CYS B 30 21.18 -9.95 23.00
C CYS B 30 19.98 -10.84 22.64
N GLY B 31 19.36 -10.68 21.47
CA GLY B 31 18.14 -11.41 21.11
C GLY B 31 18.45 -12.85 20.75
N ILE B 32 19.59 -13.12 20.15
CA ILE B 32 20.02 -14.52 19.88
C ILE B 32 20.38 -15.18 21.22
N ASP B 33 21.14 -14.49 22.08
CA ASP B 33 21.55 -15.03 23.41
C ASP B 33 20.31 -15.31 24.26
N GLN B 34 19.32 -14.41 24.27
CA GLN B 34 18.07 -14.51 25.08
C GLN B 34 17.01 -15.29 24.30
N ARG B 35 17.28 -15.76 23.09
CA ARG B 35 16.38 -16.65 22.33
C ARG B 35 14.99 -16.02 22.22
N TRP B 36 14.92 -14.83 21.64
CA TRP B 36 13.70 -13.99 21.57
C TRP B 36 12.58 -14.74 20.84
N TRP B 37 12.95 -15.75 20.05
CA TRP B 37 12.01 -16.49 19.19
C TRP B 37 11.18 -17.45 20.03
N GLU B 38 11.53 -17.65 21.31
CA GLU B 38 10.81 -18.63 22.18
C GLU B 38 9.60 -17.93 22.84
N SER B 39 9.46 -16.61 22.69
CA SER B 39 8.44 -15.80 23.38
C SER B 39 7.84 -14.75 22.44
N ALA B 40 6.76 -14.10 22.87
CA ALA B 40 6.26 -12.83 22.27
C ALA B 40 7.43 -11.85 22.39
N LEU B 41 7.74 -11.07 21.37
CA LEU B 41 8.76 -10.00 21.49
C LEU B 41 8.28 -9.02 22.55
N GLN B 42 9.14 -8.64 23.49
CA GLN B 42 8.83 -7.65 24.56
C GLN B 42 9.02 -6.25 24.00
N GLU B 43 8.39 -5.24 24.59
CA GLU B 43 8.60 -3.82 24.19
C GLU B 43 8.60 -3.71 22.65
N SER B 44 7.63 -4.34 21.98
CA SER B 44 7.50 -4.39 20.50
C SER B 44 6.52 -3.33 20.03
N ARG B 45 6.38 -3.13 18.73
CA ARG B 45 5.34 -2.22 18.18
C ARG B 45 4.87 -2.82 16.87
N ALA B 46 3.73 -2.32 16.35
CA ALA B 46 3.19 -2.77 15.07
C ALA B 46 4.03 -2.23 13.93
N ILE B 47 4.32 -3.11 12.96
CA ILE B 47 4.95 -2.76 11.67
C ILE B 47 4.13 -3.38 10.54
N ALA B 48 4.14 -2.73 9.37
CA ALA B 48 3.54 -3.28 8.16
C ALA B 48 4.58 -4.18 7.48
N VAL B 49 4.16 -5.39 7.09
CA VAL B 49 4.82 -6.33 6.14
C VAL B 49 3.88 -6.51 4.95
N PRO B 50 4.27 -6.18 3.71
CA PRO B 50 5.66 -5.86 3.43
C PRO B 50 5.96 -4.36 3.50
N GLY B 51 7.24 -4.02 3.69
CA GLY B 51 7.71 -2.64 3.88
C GLY B 51 9.13 -2.63 4.44
N SER B 52 9.89 -1.58 4.09
CA SER B 52 11.13 -1.21 4.78
C SER B 52 10.71 -0.88 6.20
N PHE B 53 11.54 -1.16 7.19
CA PHE B 53 11.20 -0.75 8.56
C PHE B 53 11.51 0.74 8.75
N ASN B 54 12.40 1.28 7.93
CA ASN B 54 13.17 2.54 8.24
C ASN B 54 12.24 3.74 8.38
N ASP B 55 11.26 3.89 7.47
CA ASP B 55 10.46 5.13 7.36
C ASP B 55 9.05 4.94 7.89
N GLN B 56 8.69 3.77 8.45
CA GLN B 56 7.31 3.56 8.94
C GLN B 56 6.99 4.43 10.16
N PHE B 57 8.02 4.88 10.89
CA PHE B 57 7.84 5.41 12.27
C PHE B 57 8.09 6.93 12.38
N ALA B 58 8.50 7.60 11.32
CA ALA B 58 8.88 9.04 11.36
C ALA B 58 10.00 9.29 12.39
N ASP B 59 10.89 8.32 12.55
CA ASP B 59 11.88 8.26 13.67
C ASP B 59 13.29 8.03 13.09
N ALA B 60 14.15 9.04 13.18
CA ALA B 60 15.53 9.04 12.64
C ALA B 60 16.39 7.92 13.25
N ASP B 61 16.21 7.63 14.52
CA ASP B 61 16.99 6.61 15.29
C ASP B 61 16.64 5.20 14.78
N ILE B 62 15.39 4.96 14.39
CA ILE B 62 15.03 3.72 13.68
C ILE B 62 15.53 3.81 12.23
N ARG B 63 15.35 4.93 11.52
CA ARG B 63 15.71 5.01 10.07
C ARG B 63 17.20 4.67 9.90
N ASN B 64 18.02 5.12 10.84
CA ASN B 64 19.49 5.07 10.70
C ASN B 64 20.06 3.89 11.47
N TYR B 65 19.22 3.01 12.01
CA TYR B 65 19.66 1.83 12.79
C TYR B 65 20.52 0.85 11.94
N ALA B 66 21.56 0.32 12.57
CA ALA B 66 22.42 -0.75 12.01
C ALA B 66 22.50 -1.89 13.03
N GLY B 67 22.14 -3.08 12.58
CA GLY B 67 22.16 -4.32 13.38
C GLY B 67 20.97 -5.20 13.07
N ASN B 68 20.55 -5.95 14.07
CA ASN B 68 19.41 -6.87 13.98
C ASN B 68 18.17 -6.12 14.43
N VAL B 69 17.10 -6.41 13.72
CA VAL B 69 15.72 -6.14 14.17
C VAL B 69 14.96 -7.45 14.11
N TRP B 70 13.82 -7.47 14.79
CA TRP B 70 13.05 -8.71 15.03
C TRP B 70 11.59 -8.45 14.64
N TYR B 71 11.06 -9.31 13.78
CA TYR B 71 9.64 -9.37 13.37
C TYR B 71 9.03 -10.66 13.91
N GLN B 72 7.75 -10.62 14.26
CA GLN B 72 7.08 -11.82 14.77
C GLN B 72 5.56 -11.66 14.60
N ARG B 73 4.90 -12.78 14.32
CA ARG B 73 3.43 -12.88 14.34
C ARG B 73 3.06 -14.31 14.68
N GLU B 74 1.78 -14.52 14.95
CA GLU B 74 1.19 -15.86 15.08
C GLU B 74 0.36 -16.13 13.82
N VAL B 75 0.28 -17.38 13.34
CA VAL B 75 -0.61 -17.74 12.20
C VAL B 75 -1.19 -19.18 12.38
N PHE B 76 -2.45 -19.35 11.97
CA PHE B 76 -3.18 -20.64 12.02
C PHE B 76 -2.87 -21.42 10.74
N ILE B 77 -2.43 -22.66 10.87
CA ILE B 77 -2.25 -23.59 9.71
C ILE B 77 -3.66 -24.05 9.30
N PRO B 78 -4.09 -23.84 8.04
CA PRO B 78 -5.38 -24.35 7.58
C PRO B 78 -5.56 -25.83 7.92
N LYS B 79 -6.71 -26.19 8.48
CA LYS B 79 -7.11 -27.57 8.89
C LYS B 79 -6.89 -28.57 7.75
N GLY B 80 -7.26 -28.20 6.51
CA GLY B 80 -7.26 -29.07 5.33
C GLY B 80 -5.85 -29.40 4.83
N TRP B 81 -4.81 -28.81 5.40
CA TRP B 81 -3.41 -28.96 4.92
C TRP B 81 -2.78 -30.20 5.57
N ALA B 82 -3.47 -30.84 6.53
CA ALA B 82 -3.13 -32.17 7.08
C ALA B 82 -2.75 -33.12 5.93
N GLY B 83 -1.54 -33.67 5.99
CA GLY B 83 -1.04 -34.68 5.03
C GLY B 83 -0.32 -34.01 3.87
N GLN B 84 -0.43 -32.70 3.76
CA GLN B 84 0.12 -31.94 2.60
C GLN B 84 1.53 -31.44 2.93
N ARG B 85 2.31 -31.24 1.87
CA ARG B 85 3.65 -30.60 1.97
C ARG B 85 3.39 -29.12 2.18
N ILE B 86 3.80 -28.59 3.33
CA ILE B 86 3.63 -27.14 3.71
C ILE B 86 5.00 -26.45 3.65
N VAL B 87 5.11 -25.44 2.80
CA VAL B 87 6.32 -24.59 2.62
C VAL B 87 6.10 -23.19 3.23
N LEU B 88 7.06 -22.66 3.99
CA LEU B 88 7.04 -21.24 4.46
C LEU B 88 8.00 -20.45 3.59
N ARG B 89 7.53 -19.35 3.00
CA ARG B 89 8.29 -18.61 1.97
C ARG B 89 8.33 -17.10 2.24
N PHE B 90 9.52 -16.52 2.11
CA PHE B 90 9.78 -15.07 2.13
C PHE B 90 10.26 -14.66 0.74
N ASP B 91 9.56 -13.76 0.09
CA ASP B 91 9.94 -13.34 -1.27
C ASP B 91 11.24 -12.52 -1.18
N ALA B 92 11.45 -11.81 -0.07
CA ALA B 92 12.68 -11.01 0.11
C ALA B 92 12.76 -10.46 1.52
N VAL B 93 13.91 -10.67 2.15
CA VAL B 93 14.27 -10.08 3.47
C VAL B 93 15.60 -9.39 3.26
N THR B 94 15.61 -8.06 3.46
CA THR B 94 16.80 -7.21 3.18
C THR B 94 17.52 -6.90 4.49
N HIS B 95 18.81 -7.29 4.63
CA HIS B 95 19.64 -8.04 3.65
C HIS B 95 19.80 -9.52 4.05
N TYR B 96 19.57 -9.82 5.33
CA TYR B 96 19.69 -11.19 5.90
C TYR B 96 18.47 -11.46 6.79
N GLY B 97 17.97 -12.70 6.70
CA GLY B 97 16.92 -13.21 7.59
C GLY B 97 17.26 -14.57 8.17
N LYS B 98 16.92 -14.77 9.43
CA LYS B 98 16.82 -16.11 10.05
C LYS B 98 15.40 -16.27 10.59
N VAL B 99 14.81 -17.43 10.35
CA VAL B 99 13.37 -17.71 10.64
C VAL B 99 13.25 -18.87 11.62
N TRP B 100 12.41 -18.71 12.64
CA TRP B 100 12.00 -19.76 13.58
C TRP B 100 10.49 -19.94 13.51
N VAL B 101 10.05 -21.20 13.53
CA VAL B 101 8.64 -21.64 13.69
C VAL B 101 8.56 -22.24 15.07
N ASN B 102 7.80 -21.61 15.97
CA ASN B 102 7.81 -21.84 17.43
C ASN B 102 9.28 -21.79 17.93
N ASN B 103 9.84 -22.92 18.36
CA ASN B 103 11.24 -22.96 18.87
C ASN B 103 12.18 -23.67 17.90
N GLN B 104 11.79 -23.86 16.63
CA GLN B 104 12.57 -24.59 15.61
C GLN B 104 13.12 -23.58 14.57
N GLU B 105 14.44 -23.52 14.44
CA GLU B 105 15.13 -22.78 13.36
C GLU B 105 14.89 -23.50 12.04
N VAL B 106 14.38 -22.80 11.03
CA VAL B 106 13.90 -23.44 9.78
C VAL B 106 14.65 -22.95 8.54
N MET B 107 15.20 -21.73 8.54
CA MET B 107 15.89 -21.23 7.33
C MET B 107 16.63 -19.94 7.63
N GLU B 108 17.45 -19.55 6.67
CA GLU B 108 18.45 -18.50 6.79
C GLU B 108 18.82 -18.09 5.37
N HIS B 109 18.97 -16.80 5.12
CA HIS B 109 19.28 -16.29 3.76
C HIS B 109 20.06 -14.98 3.86
N GLN B 110 21.11 -14.89 3.04
CA GLN B 110 21.91 -13.67 2.76
C GLN B 110 21.63 -13.27 1.31
N GLY B 111 21.20 -12.03 1.08
CA GLY B 111 20.79 -11.56 -0.24
C GLY B 111 19.41 -10.94 -0.14
N GLY B 112 19.33 -9.62 -0.27
CA GLY B 112 18.15 -8.88 0.17
C GLY B 112 16.99 -8.93 -0.81
N TYR B 113 17.11 -9.60 -1.97
CA TYR B 113 16.22 -9.28 -3.11
C TYR B 113 15.71 -10.52 -3.87
N THR B 114 15.92 -11.71 -3.31
CA THR B 114 15.41 -12.96 -3.93
C THR B 114 14.81 -13.87 -2.87
N PRO B 115 13.93 -14.82 -3.28
CA PRO B 115 13.18 -15.60 -2.30
C PRO B 115 13.99 -16.67 -1.58
N PHE B 116 13.51 -17.01 -0.38
CA PHE B 116 13.94 -18.21 0.37
C PHE B 116 12.75 -18.83 1.08
N GLU B 117 12.85 -20.13 1.33
CA GLU B 117 11.74 -20.96 1.83
C GLU B 117 12.31 -22.23 2.44
N ALA B 118 11.55 -22.86 3.34
CA ALA B 118 11.81 -24.23 3.84
C ALA B 118 10.51 -25.00 3.90
N ASP B 119 10.58 -26.30 3.65
CA ASP B 119 9.50 -27.25 4.01
C ASP B 119 9.36 -27.23 5.54
N VAL B 120 8.23 -26.76 6.05
CA VAL B 120 7.97 -26.71 7.54
C VAL B 120 6.91 -27.75 7.94
N THR B 121 6.54 -28.68 7.06
CA THR B 121 5.62 -29.82 7.36
C THR B 121 5.90 -30.39 8.73
N PRO B 122 7.14 -30.79 9.09
CA PRO B 122 7.37 -31.52 10.34
C PRO B 122 7.27 -30.64 11.60
N TYR B 123 7.26 -29.32 11.47
CA TYR B 123 7.33 -28.36 12.60
C TYR B 123 6.01 -27.61 12.84
N VAL B 124 4.96 -27.89 12.06
CA VAL B 124 3.58 -27.34 12.25
C VAL B 124 2.55 -28.47 12.31
N ILE B 125 1.39 -28.19 12.91
CA ILE B 125 0.18 -29.06 12.99
C ILE B 125 -1.03 -28.30 12.42
N ALA B 126 -1.60 -28.84 11.35
CA ALA B 126 -2.80 -28.28 10.68
C ALA B 126 -3.87 -28.03 11.73
N GLY B 127 -4.45 -26.82 11.74
CA GLY B 127 -5.53 -26.42 12.67
C GLY B 127 -5.03 -25.72 13.94
N LYS B 128 -3.69 -25.62 14.11
CA LYS B 128 -3.06 -24.96 15.28
C LYS B 128 -2.35 -23.68 14.85
N SER B 129 -2.27 -22.74 15.80
CA SER B 129 -1.52 -21.47 15.67
C SER B 129 -0.02 -21.74 15.91
N VAL B 130 0.85 -21.17 15.07
CA VAL B 130 2.32 -21.25 15.21
C VAL B 130 2.86 -19.83 15.28
N ARG B 131 4.00 -19.67 15.97
CA ARG B 131 4.77 -18.40 16.13
C ARG B 131 5.93 -18.39 15.11
N ILE B 132 5.93 -17.40 14.22
CA ILE B 132 7.01 -17.11 13.24
C ILE B 132 7.79 -15.88 13.75
N THR B 133 9.09 -16.08 13.98
CA THR B 133 10.06 -15.05 14.38
C THR B 133 11.06 -14.92 13.24
N VAL B 134 11.39 -13.68 12.86
CA VAL B 134 12.43 -13.37 11.84
C VAL B 134 13.42 -12.38 12.44
N CYS B 135 14.69 -12.77 12.40
CA CYS B 135 15.82 -11.90 12.78
C CYS B 135 16.34 -11.33 11.47
N VAL B 136 16.27 -10.01 11.31
CA VAL B 136 16.63 -9.32 10.05
C VAL B 136 17.81 -8.41 10.35
N ASN B 137 18.80 -8.52 9.49
CA ASN B 137 20.10 -7.87 9.68
C ASN B 137 20.31 -7.07 8.41
N ASN B 138 20.74 -5.80 8.56
CA ASN B 138 20.87 -4.83 7.45
C ASN B 138 22.33 -4.43 7.26
N GLU B 139 23.28 -5.18 7.83
CA GLU B 139 24.73 -4.86 7.77
C GLU B 139 25.35 -5.42 6.48
N LEU B 140 26.19 -4.60 5.85
CA LEU B 140 26.98 -4.87 4.65
C LEU B 140 28.47 -4.90 5.03
N ASN B 141 29.21 -5.85 4.45
CA ASN B 141 30.69 -5.96 4.50
C ASN B 141 31.17 -6.21 3.07
N TRP B 142 32.42 -6.61 2.91
CA TRP B 142 33.06 -6.79 1.60
C TRP B 142 32.62 -8.11 0.96
N GLN B 143 31.94 -8.98 1.71
CA GLN B 143 31.43 -10.26 1.16
C GLN B 143 29.92 -10.21 0.96
N THR B 144 29.24 -9.09 1.23
CA THR B 144 27.80 -8.96 0.87
C THR B 144 27.70 -8.35 -0.52
N ILE B 145 26.60 -8.64 -1.19
CA ILE B 145 26.16 -8.08 -2.51
C ILE B 145 24.94 -7.24 -2.22
N PRO B 146 25.03 -5.90 -2.10
CA PRO B 146 26.23 -5.12 -2.37
C PRO B 146 27.16 -5.03 -1.17
N PRO B 147 28.41 -4.62 -1.40
CA PRO B 147 29.36 -4.48 -0.30
C PRO B 147 29.17 -3.15 0.44
N GLY B 148 29.79 -3.07 1.62
CA GLY B 148 29.89 -1.90 2.52
C GLY B 148 30.94 -2.15 3.62
N MET B 149 31.11 -1.16 4.48
CA MET B 149 31.95 -1.24 5.72
C MET B 149 31.15 -0.65 6.88
N VAL B 150 30.91 -1.45 7.90
CA VAL B 150 30.37 -1.01 9.21
C VAL B 150 31.57 -0.48 10.02
N ILE B 151 31.52 0.79 10.41
CA ILE B 151 32.44 1.43 11.40
C ILE B 151 31.75 1.41 12.77
N THR B 152 32.45 0.98 13.83
CA THR B 152 32.00 1.10 15.25
C THR B 152 32.76 2.28 15.92
N ASP B 153 32.04 3.19 16.61
CA ASP B 153 32.56 4.50 17.15
C ASP B 153 32.96 4.39 18.63
N GLU B 154 32.16 3.68 19.43
CA GLU B 154 32.47 3.37 20.85
C GLU B 154 32.91 1.91 20.95
N LYS B 157 28.81 2.10 18.96
CA LYS B 157 27.74 2.57 18.06
C LYS B 157 28.12 2.25 16.59
N LYS B 158 27.25 1.52 15.89
CA LYS B 158 27.47 1.07 14.49
C LYS B 158 27.01 2.16 13.51
N LYS B 159 27.85 2.46 12.52
CA LYS B 159 27.56 3.36 11.39
C LYS B 159 27.91 2.60 10.10
N GLN B 160 26.94 2.36 9.22
CA GLN B 160 27.11 1.62 7.96
C GLN B 160 27.63 2.59 6.87
N SER B 161 28.83 2.35 6.39
CA SER B 161 29.38 2.94 5.14
C SER B 161 28.99 2.04 3.95
N TYR B 162 28.63 2.61 2.81
CA TYR B 162 28.34 1.88 1.55
C TYR B 162 28.57 2.81 0.36
N PHE B 163 28.65 2.26 -0.87
CA PHE B 163 29.30 2.95 -2.01
C PHE B 163 28.28 3.25 -3.12
N HIS B 164 27.01 3.00 -2.88
CA HIS B 164 25.94 3.16 -3.90
C HIS B 164 24.98 4.31 -3.55
N ASP B 165 24.42 4.94 -4.57
CA ASP B 165 23.63 6.18 -4.48
C ASP B 165 22.15 5.85 -4.29
N PHE B 166 21.81 5.03 -3.30
CA PHE B 166 20.41 4.86 -2.85
C PHE B 166 20.44 4.39 -1.42
N PHE B 167 19.46 4.82 -0.66
CA PHE B 167 19.45 4.61 0.80
C PHE B 167 19.34 3.10 1.12
N ASN B 168 20.08 2.69 2.13
CA ASN B 168 20.23 1.28 2.54
C ASN B 168 18.99 0.89 3.35
N TYR B 169 17.84 0.90 2.68
CA TYR B 169 16.54 0.45 3.26
C TYR B 169 16.64 -1.05 3.53
N ALA B 170 15.98 -1.50 4.59
CA ALA B 170 16.00 -2.89 5.06
C ALA B 170 14.63 -3.26 5.63
N GLY B 171 14.43 -4.59 5.79
CA GLY B 171 13.24 -5.21 6.38
C GLY B 171 12.66 -6.28 5.46
N ILE B 172 11.42 -6.68 5.73
CA ILE B 172 10.67 -7.66 4.88
C ILE B 172 9.93 -6.84 3.83
N HIS B 173 10.56 -6.63 2.69
CA HIS B 173 10.12 -5.77 1.56
C HIS B 173 9.03 -6.41 0.71
N ARG B 174 8.88 -7.72 0.79
CA ARG B 174 7.99 -8.43 -0.13
C ARG B 174 7.20 -9.47 0.64
N SER B 175 6.24 -10.04 -0.04
CA SER B 175 5.23 -10.95 0.54
C SER B 175 5.88 -12.09 1.29
N VAL B 176 5.27 -12.44 2.40
CA VAL B 176 5.56 -13.68 3.14
C VAL B 176 4.34 -14.58 2.97
N MET B 177 4.52 -15.87 2.88
CA MET B 177 3.37 -16.77 2.68
C MET B 177 3.73 -18.18 3.14
N LEU B 178 2.70 -18.91 3.55
CA LEU B 178 2.68 -20.40 3.56
C LEU B 178 2.09 -20.88 2.23
N TYR B 179 2.60 -21.98 1.68
CA TYR B 179 1.89 -22.61 0.55
C TYR B 179 2.01 -24.13 0.66
N THR B 180 1.13 -24.82 -0.05
CA THR B 180 1.07 -26.30 -0.07
C THR B 180 1.42 -26.85 -1.45
N THR B 181 2.01 -28.04 -1.44
CA THR B 181 2.07 -29.00 -2.56
C THR B 181 1.62 -30.34 -2.02
N PRO B 182 1.27 -31.28 -2.92
CA PRO B 182 1.17 -32.70 -2.55
C PRO B 182 2.60 -33.20 -2.26
N ASN B 183 2.72 -34.41 -1.70
CA ASN B 183 4.04 -34.97 -1.27
C ASN B 183 4.77 -35.55 -2.50
N THR B 184 4.07 -35.59 -3.63
CA THR B 184 4.62 -35.59 -5.02
C THR B 184 4.36 -34.20 -5.60
N TRP B 185 5.38 -33.55 -6.18
CA TRP B 185 5.29 -32.13 -6.60
C TRP B 185 6.31 -31.82 -7.69
N VAL B 186 5.93 -30.87 -8.55
CA VAL B 186 6.81 -30.22 -9.56
C VAL B 186 7.69 -29.24 -8.80
N ASP B 187 9.00 -29.52 -8.71
CA ASP B 187 9.98 -28.76 -7.90
C ASP B 187 10.67 -27.71 -8.80
N ASP B 188 10.73 -27.93 -10.12
CA ASP B 188 11.49 -27.04 -11.02
C ASP B 188 11.07 -27.23 -12.48
N ILE B 189 11.19 -26.17 -13.26
CA ILE B 189 10.90 -26.13 -14.73
C ILE B 189 11.92 -25.17 -15.37
N THR B 190 12.60 -25.61 -16.43
CA THR B 190 13.28 -24.68 -17.39
C THR B 190 12.61 -24.85 -18.76
N VAL B 191 12.14 -23.74 -19.36
CA VAL B 191 11.75 -23.75 -20.81
C VAL B 191 12.80 -22.97 -21.60
N VAL B 192 13.06 -23.40 -22.83
CA VAL B 192 13.86 -22.64 -23.80
C VAL B 192 13.00 -22.52 -25.04
N THR B 193 12.91 -21.31 -25.55
CA THR B 193 11.91 -20.90 -26.55
C THR B 193 12.68 -20.60 -27.84
N HIS B 194 12.81 -21.55 -28.79
CA HIS B 194 13.50 -21.29 -30.10
C HIS B 194 12.47 -20.80 -31.11
N VAL B 195 12.91 -19.97 -32.05
CA VAL B 195 12.05 -19.27 -33.05
C VAL B 195 12.77 -19.30 -34.38
N ALA B 196 12.20 -19.95 -35.40
CA ALA B 196 12.75 -19.97 -36.77
C ALA B 196 13.01 -18.53 -37.20
N GLN B 197 13.88 -18.33 -38.19
CA GLN B 197 14.27 -16.97 -38.68
C GLN B 197 13.07 -16.26 -39.29
N ASP B 198 12.27 -17.02 -40.03
CA ASP B 198 11.07 -16.56 -40.77
C ASP B 198 9.93 -16.28 -39.78
N CYS B 199 10.09 -16.73 -38.53
CA CYS B 199 9.16 -16.52 -37.39
C CYS B 199 7.87 -17.36 -37.52
N ASN B 200 7.82 -18.30 -38.47
CA ASN B 200 6.58 -19.04 -38.87
C ASN B 200 6.50 -20.41 -38.18
N HIS B 201 7.50 -20.74 -37.37
CA HIS B 201 7.56 -21.97 -36.55
C HIS B 201 8.37 -21.61 -35.30
N ALA B 202 8.10 -22.31 -34.21
CA ALA B 202 8.86 -22.19 -32.95
C ALA B 202 8.90 -23.55 -32.28
N SER B 203 9.86 -23.77 -31.40
CA SER B 203 10.05 -25.00 -30.61
C SER B 203 10.07 -24.56 -29.16
N VAL B 204 9.58 -25.39 -28.26
CA VAL B 204 9.69 -25.10 -26.80
C VAL B 204 10.32 -26.31 -26.14
N ASP B 205 11.58 -26.21 -25.72
CA ASP B 205 12.24 -27.25 -24.89
C ASP B 205 11.67 -27.12 -23.49
N TRP B 206 11.54 -28.24 -22.80
CA TRP B 206 11.23 -28.22 -21.36
C TRP B 206 12.22 -29.15 -20.64
N GLN B 207 12.52 -28.81 -19.40
CA GLN B 207 13.12 -29.70 -18.40
C GLN B 207 12.39 -29.50 -17.07
N VAL B 208 11.96 -30.59 -16.44
CA VAL B 208 11.21 -30.57 -15.15
C VAL B 208 11.95 -31.43 -14.12
N VAL B 209 11.99 -31.00 -12.86
CA VAL B 209 12.36 -31.86 -11.70
C VAL B 209 11.10 -32.12 -10.91
N ALA B 210 10.76 -33.38 -10.64
CA ALA B 210 9.64 -33.77 -9.77
C ALA B 210 9.86 -35.21 -9.30
N ASN B 211 9.32 -35.57 -8.14
CA ASN B 211 9.45 -36.94 -7.55
C ASN B 211 8.28 -37.86 -8.01
N GLY B 212 7.93 -37.79 -9.30
CA GLY B 212 6.87 -38.60 -9.95
C GLY B 212 6.85 -38.40 -11.46
N ASP B 213 6.07 -39.20 -12.19
CA ASP B 213 6.02 -39.20 -13.68
C ASP B 213 5.49 -37.83 -14.17
N VAL B 214 6.09 -37.31 -15.23
CA VAL B 214 5.86 -35.93 -15.74
C VAL B 214 5.22 -35.98 -17.11
N SER B 215 4.10 -35.28 -17.28
CA SER B 215 3.48 -34.92 -18.58
C SER B 215 3.32 -33.40 -18.62
N VAL B 216 3.37 -32.83 -19.83
CA VAL B 216 3.20 -31.38 -20.08
C VAL B 216 2.15 -31.18 -21.17
N GLU B 217 1.38 -30.09 -21.07
CA GLU B 217 0.44 -29.59 -22.11
C GLU B 217 0.73 -28.12 -22.33
N LEU B 218 1.08 -27.73 -23.57
CA LEU B 218 1.15 -26.29 -23.94
C LEU B 218 -0.21 -25.84 -24.44
N ARG B 219 -0.81 -24.84 -23.76
CA ARG B 219 -2.11 -24.22 -24.12
C ARG B 219 -1.88 -22.79 -24.60
N ASP B 220 -2.62 -22.39 -25.64
CA ASP B 220 -2.56 -21.00 -26.14
C ASP B 220 -3.42 -20.14 -25.23
N ALA B 221 -3.51 -18.84 -25.51
CA ALA B 221 -4.25 -17.84 -24.69
C ALA B 221 -5.73 -18.25 -24.58
N ASP B 222 -6.23 -19.04 -25.52
CA ASP B 222 -7.66 -19.43 -25.56
C ASP B 222 -7.85 -20.75 -24.81
N GLN B 223 -6.77 -21.34 -24.27
CA GLN B 223 -6.82 -22.62 -23.50
C GLN B 223 -6.95 -23.84 -24.46
N GLN B 224 -6.50 -23.70 -25.70
CA GLN B 224 -6.45 -24.82 -26.68
C GLN B 224 -5.06 -25.46 -26.67
N VAL B 225 -5.02 -26.79 -26.44
CA VAL B 225 -3.78 -27.60 -26.31
C VAL B 225 -3.12 -27.61 -27.68
N VAL B 226 -1.92 -27.05 -27.84
CA VAL B 226 -1.24 -26.93 -29.17
C VAL B 226 -0.16 -28.01 -29.27
N ALA B 227 0.27 -28.57 -28.13
CA ALA B 227 1.33 -29.60 -28.03
C ALA B 227 1.32 -30.25 -26.64
N THR B 228 1.80 -31.49 -26.59
CA THR B 228 1.85 -32.39 -25.41
C THR B 228 3.19 -33.18 -25.46
N GLY B 229 3.68 -33.55 -24.29
CA GLY B 229 4.89 -34.36 -24.15
C GLY B 229 4.87 -35.14 -22.85
N GLN B 230 5.93 -35.92 -22.65
CA GLN B 230 6.07 -36.86 -21.51
C GLN B 230 7.56 -36.86 -21.10
N GLY B 231 7.79 -37.25 -19.83
CA GLY B 231 9.11 -37.36 -19.21
C GLY B 231 9.64 -36.02 -18.71
N THR B 232 10.72 -36.12 -17.92
CA THR B 232 11.45 -35.01 -17.30
C THR B 232 11.90 -33.98 -18.35
N SER B 233 12.16 -34.35 -19.62
CA SER B 233 12.66 -33.37 -20.62
C SER B 233 12.08 -33.63 -22.02
N GLY B 234 12.17 -32.67 -22.94
CA GLY B 234 11.83 -32.86 -24.36
C GLY B 234 11.61 -31.56 -25.09
N THR B 235 11.05 -31.62 -26.31
CA THR B 235 10.79 -30.45 -27.20
C THR B 235 9.34 -30.48 -27.69
N LEU B 236 8.58 -29.39 -27.49
CA LEU B 236 7.22 -29.19 -28.09
C LEU B 236 7.40 -28.37 -29.37
N GLN B 237 6.82 -28.85 -30.46
CA GLN B 237 6.78 -28.15 -31.77
C GLN B 237 5.53 -27.27 -31.79
N VAL B 238 5.62 -26.04 -32.29
CA VAL B 238 4.48 -25.07 -32.41
C VAL B 238 4.45 -24.49 -33.82
N VAL B 239 3.46 -24.90 -34.62
CA VAL B 239 3.20 -24.31 -35.96
C VAL B 239 2.52 -22.94 -35.76
N ASN B 240 2.85 -22.01 -36.67
CA ASN B 240 2.32 -20.63 -36.74
C ASN B 240 2.22 -20.03 -35.34
N PRO B 241 3.31 -20.04 -34.55
CA PRO B 241 3.22 -19.65 -33.15
C PRO B 241 2.88 -18.15 -33.03
N HIS B 242 2.09 -17.77 -32.01
CA HIS B 242 1.89 -16.35 -31.59
C HIS B 242 3.10 -15.96 -30.74
N LEU B 243 4.10 -15.37 -31.38
CA LEU B 243 5.35 -14.97 -30.70
C LEU B 243 5.01 -13.96 -29.59
N TRP B 244 5.77 -14.00 -28.48
CA TRP B 244 5.86 -12.92 -27.47
C TRP B 244 6.61 -11.76 -28.11
N GLN B 245 5.91 -10.67 -28.42
CA GLN B 245 6.49 -9.44 -29.06
C GLN B 245 6.48 -8.28 -28.07
N PRO B 246 7.57 -7.48 -28.00
CA PRO B 246 7.55 -6.22 -27.28
C PRO B 246 6.32 -5.38 -27.68
N GLY B 247 5.59 -4.85 -26.70
CA GLY B 247 4.40 -4.01 -26.92
C GLY B 247 3.12 -4.81 -26.95
N GLU B 248 3.17 -6.16 -26.85
CA GLU B 248 1.98 -7.05 -26.87
C GLU B 248 2.11 -8.15 -25.81
N GLY B 249 3.13 -9.00 -25.88
CA GLY B 249 3.44 -10.04 -24.88
C GLY B 249 2.44 -11.19 -24.84
N TYR B 250 2.07 -11.75 -25.97
CA TYR B 250 1.23 -12.97 -26.02
C TYR B 250 1.92 -14.06 -25.20
N LEU B 251 1.18 -14.71 -24.29
CA LEU B 251 1.66 -15.82 -23.44
C LEU B 251 0.89 -17.12 -23.69
N TYR B 252 1.62 -18.23 -23.76
CA TYR B 252 1.10 -19.61 -23.62
C TYR B 252 1.16 -20.01 -22.14
N GLU B 253 0.54 -21.13 -21.81
CA GLU B 253 0.66 -21.79 -20.48
C GLU B 253 1.21 -23.20 -20.70
N LEU B 254 2.33 -23.53 -20.06
CA LEU B 254 2.85 -24.91 -19.99
C LEU B 254 2.39 -25.49 -18.66
N CYS B 255 1.42 -26.38 -18.72
CA CYS B 255 0.89 -27.06 -17.53
C CYS B 255 1.74 -28.32 -17.27
N VAL B 256 2.44 -28.34 -16.15
CA VAL B 256 3.29 -29.50 -15.77
C VAL B 256 2.55 -30.34 -14.73
N THR B 257 2.32 -31.61 -15.06
CA THR B 257 1.72 -32.60 -14.13
C THR B 257 2.80 -33.59 -13.69
N ALA B 258 3.00 -33.73 -12.38
CA ALA B 258 3.75 -34.83 -11.75
C ALA B 258 2.73 -35.76 -11.09
N LYS B 259 2.62 -36.99 -11.60
CA LYS B 259 1.70 -38.05 -11.09
C LYS B 259 2.50 -39.15 -10.39
N SER B 260 2.22 -39.41 -9.11
CA SER B 260 2.60 -40.67 -8.43
C SER B 260 1.40 -41.61 -8.56
N GLN B 261 1.48 -42.83 -8.03
CA GLN B 261 0.35 -43.79 -8.14
C GLN B 261 -0.79 -43.22 -7.28
N THR B 262 -0.47 -42.49 -6.21
CA THR B 262 -1.42 -42.09 -5.15
C THR B 262 -1.70 -40.57 -5.18
N GLU B 263 -0.74 -39.72 -5.53
CA GLU B 263 -0.89 -38.24 -5.44
C GLU B 263 -0.68 -37.63 -6.82
N CYS B 264 -1.08 -36.37 -7.01
CA CYS B 264 -0.86 -35.65 -8.30
C CYS B 264 -0.74 -34.12 -8.09
N ASP B 265 0.09 -33.44 -8.90
CA ASP B 265 0.46 -31.99 -8.76
C ASP B 265 0.41 -31.36 -10.16
N ILE B 266 -0.20 -30.20 -10.28
CA ILE B 266 -0.39 -29.47 -11.57
C ILE B 266 0.17 -28.07 -11.35
N TYR B 267 1.17 -27.66 -12.14
CA TYR B 267 1.80 -26.33 -12.03
C TYR B 267 1.73 -25.66 -13.40
N PRO B 268 1.02 -24.53 -13.49
CA PRO B 268 0.95 -23.74 -14.72
C PRO B 268 2.07 -22.69 -14.76
N LEU B 269 2.88 -22.71 -15.81
CA LEU B 269 4.02 -21.79 -16.05
C LEU B 269 3.68 -20.97 -17.29
N ARG B 270 3.74 -19.66 -17.19
CA ARG B 270 3.50 -18.81 -18.36
C ARG B 270 4.78 -18.85 -19.19
N VAL B 271 4.60 -18.96 -20.49
CA VAL B 271 5.71 -19.07 -21.47
C VAL B 271 5.44 -18.07 -22.59
N GLY B 272 6.42 -17.22 -22.89
CA GLY B 272 6.32 -16.31 -24.03
C GLY B 272 7.29 -16.77 -25.07
N ILE B 273 6.82 -16.99 -26.29
CA ILE B 273 7.66 -17.60 -27.37
C ILE B 273 8.43 -16.46 -28.03
N ARG B 274 9.69 -16.28 -27.66
CA ARG B 274 10.55 -15.24 -28.25
C ARG B 274 12.01 -15.70 -28.15
N SER B 275 12.83 -15.28 -29.11
CA SER B 275 14.30 -15.42 -29.12
C SER B 275 14.90 -14.02 -28.93
N VAL B 276 16.09 -13.98 -28.32
CA VAL B 276 16.92 -12.75 -28.17
C VAL B 276 18.31 -13.10 -28.70
N ALA B 277 18.93 -12.23 -29.49
CA ALA B 277 20.33 -12.39 -29.91
C ALA B 277 20.91 -11.04 -30.32
N VAL B 278 22.20 -10.89 -30.07
CA VAL B 278 23.01 -9.78 -30.61
C VAL B 278 23.61 -10.26 -31.93
N LYS B 279 23.47 -9.46 -32.98
CA LYS B 279 24.12 -9.63 -34.30
C LYS B 279 24.84 -8.31 -34.65
N GLY B 280 26.16 -8.31 -34.62
CA GLY B 280 26.96 -7.09 -34.79
C GLY B 280 26.61 -6.10 -33.71
N GLU B 281 26.08 -4.94 -34.11
CA GLU B 281 25.72 -3.82 -33.20
C GLU B 281 24.19 -3.66 -33.15
N GLN B 282 23.45 -4.75 -33.41
CA GLN B 282 21.98 -4.79 -33.33
C GLN B 282 21.57 -5.75 -32.23
N PHE B 283 20.58 -5.35 -31.43
CA PHE B 283 19.86 -6.22 -30.47
C PHE B 283 18.59 -6.72 -31.16
N LEU B 284 18.54 -8.02 -31.46
CA LEU B 284 17.42 -8.70 -32.17
C LEU B 284 16.49 -9.37 -31.15
N ILE B 285 15.20 -9.10 -31.26
CA ILE B 285 14.15 -9.88 -30.54
C ILE B 285 13.30 -10.48 -31.65
N ASN B 286 13.13 -11.79 -31.65
CA ASN B 286 12.43 -12.47 -32.78
C ASN B 286 13.07 -11.97 -34.09
N HIS B 287 14.40 -11.96 -34.16
CA HIS B 287 15.22 -11.76 -35.39
C HIS B 287 15.02 -10.36 -36.00
N LYS B 288 14.43 -9.41 -35.26
CA LYS B 288 14.16 -8.03 -35.74
C LYS B 288 14.91 -7.08 -34.80
N PRO B 289 15.58 -6.01 -35.33
CA PRO B 289 16.28 -5.05 -34.48
C PRO B 289 15.29 -4.36 -33.53
N PHE B 290 15.66 -4.20 -32.26
CA PHE B 290 14.85 -3.50 -31.23
C PHE B 290 15.61 -2.26 -30.78
N TYR B 291 14.89 -1.17 -30.49
CA TYR B 291 15.44 0.06 -29.86
C TYR B 291 14.78 0.24 -28.50
N PHE B 292 15.58 0.16 -27.45
CA PHE B 292 15.14 0.33 -26.05
C PHE B 292 14.84 1.81 -25.77
N THR B 293 13.65 2.09 -25.24
CA THR B 293 13.32 3.39 -24.60
C THR B 293 12.82 3.11 -23.19
N GLY B 294 12.99 4.07 -22.30
CA GLY B 294 12.45 3.97 -20.93
C GLY B 294 13.48 4.39 -19.89
N PHE B 295 13.62 3.60 -18.83
CA PHE B 295 14.13 4.12 -17.55
C PHE B 295 15.06 3.15 -16.84
N GLY B 296 16.03 3.71 -16.12
CA GLY B 296 16.48 3.12 -14.85
C GLY B 296 15.43 3.41 -13.77
N ARG B 297 15.00 2.40 -13.01
CA ARG B 297 14.02 2.60 -11.92
C ARG B 297 14.74 2.42 -10.58
N HIS B 298 13.98 2.52 -9.51
CA HIS B 298 14.33 2.06 -8.14
C HIS B 298 13.04 1.52 -7.51
N GLU B 299 13.18 0.71 -6.48
CA GLU B 299 12.06 0.36 -5.59
C GLU B 299 12.15 1.32 -4.42
N ASP B 300 11.30 2.32 -4.44
CA ASP B 300 11.41 3.53 -3.60
C ASP B 300 10.08 4.27 -3.66
N ALA B 301 9.55 4.65 -2.51
CA ALA B 301 8.28 5.38 -2.42
C ALA B 301 8.22 5.95 -1.00
N ASP B 302 7.35 6.94 -0.82
CA ASP B 302 7.08 7.54 0.49
C ASP B 302 6.67 6.43 1.47
N LEU B 303 7.16 6.54 2.70
CA LEU B 303 6.66 5.78 3.87
C LEU B 303 7.09 4.32 3.82
N ARG B 304 6.98 3.65 2.68
CA ARG B 304 7.16 2.16 2.66
C ARG B 304 8.58 1.75 2.25
N GLY B 305 9.41 2.71 1.85
CA GLY B 305 10.78 2.48 1.40
C GLY B 305 10.80 1.66 0.14
N LYS B 306 11.41 0.48 0.19
CA LYS B 306 11.51 -0.40 -0.99
C LYS B 306 10.41 -1.46 -0.94
N GLY B 307 9.44 -1.30 -0.05
CA GLY B 307 8.36 -2.29 0.09
C GLY B 307 7.51 -2.36 -1.18
N PHE B 308 7.13 -3.58 -1.60
CA PHE B 308 6.26 -3.82 -2.76
C PHE B 308 4.86 -3.27 -2.48
N ASP B 309 4.21 -2.79 -3.51
CA ASP B 309 2.85 -2.24 -3.37
C ASP B 309 2.10 -2.26 -4.71
N ASN B 310 0.93 -2.86 -4.75
CA ASN B 310 0.20 -3.04 -6.02
C ASN B 310 -0.20 -1.71 -6.64
N VAL B 311 -0.75 -0.76 -5.85
CA VAL B 311 -1.17 0.56 -6.41
C VAL B 311 0.00 1.20 -7.13
N LEU B 312 1.17 1.32 -6.46
CA LEU B 312 2.39 1.88 -7.03
C LEU B 312 2.74 1.15 -8.35
N MET B 313 2.69 -0.19 -8.38
CA MET B 313 3.04 -0.95 -9.61
C MET B 313 2.05 -0.55 -10.70
N VAL B 314 0.76 -0.45 -10.38
CA VAL B 314 -0.28 -0.12 -11.39
C VAL B 314 -0.03 1.29 -11.92
N HIS B 315 0.14 2.26 -11.02
CA HIS B 315 0.29 3.70 -11.38
C HIS B 315 1.58 3.88 -12.18
N ASP B 316 2.71 3.38 -11.71
CA ASP B 316 4.02 3.51 -12.44
C ASP B 316 3.94 2.89 -13.84
N HIS B 317 3.39 1.68 -13.99
CA HIS B 317 3.17 1.11 -15.35
C HIS B 317 2.26 2.04 -16.16
N ALA B 318 1.21 2.64 -15.60
CA ALA B 318 0.35 3.59 -16.37
C ALA B 318 1.17 4.81 -16.82
N LEU B 319 2.12 5.30 -16.03
CA LEU B 319 3.04 6.42 -16.41
C LEU B 319 4.03 5.98 -17.49
N MET B 320 4.60 4.78 -17.41
CA MET B 320 5.59 4.27 -18.41
C MET B 320 4.90 4.07 -19.76
N ASP B 321 3.69 3.52 -19.73
CA ASP B 321 2.81 3.33 -20.91
C ASP B 321 2.56 4.69 -21.58
N TRP B 322 2.05 5.63 -20.81
CA TRP B 322 1.73 6.99 -21.29
C TRP B 322 2.95 7.65 -21.94
N ILE B 323 4.11 7.58 -21.30
CA ILE B 323 5.31 8.35 -21.75
C ILE B 323 5.94 7.65 -22.96
N GLY B 324 5.55 6.41 -23.24
CA GLY B 324 6.01 5.67 -24.42
C GLY B 324 7.22 4.83 -24.09
N ALA B 325 7.52 4.56 -22.83
CA ALA B 325 8.66 3.69 -22.44
C ALA B 325 8.33 2.26 -22.91
N ASN B 326 9.30 1.56 -23.54
CA ASN B 326 9.11 0.15 -23.96
C ASN B 326 9.91 -0.78 -23.06
N SER B 327 10.70 -0.25 -22.11
CA SER B 327 11.71 -1.07 -21.40
C SER B 327 12.17 -0.37 -20.13
N TYR B 328 12.74 -1.17 -19.21
CA TYR B 328 13.46 -0.64 -18.04
C TYR B 328 14.53 -1.63 -17.61
N ARG B 329 15.40 -1.17 -16.71
CA ARG B 329 16.41 -2.03 -16.05
C ARG B 329 16.12 -2.11 -14.55
N THR B 330 16.31 -3.26 -13.91
CA THR B 330 16.11 -3.41 -12.46
C THR B 330 17.34 -2.85 -11.72
N SER B 331 17.66 -1.57 -11.94
CA SER B 331 18.68 -0.83 -11.20
C SER B 331 18.26 -0.76 -9.73
N HIS B 332 19.13 -1.13 -8.76
CA HIS B 332 20.36 -1.91 -8.90
C HIS B 332 20.31 -3.19 -8.05
N TYR B 333 19.32 -4.05 -8.30
CA TYR B 333 18.99 -5.23 -7.46
C TYR B 333 17.82 -5.90 -8.16
N PRO B 334 17.59 -7.22 -7.96
CA PRO B 334 16.40 -7.88 -8.48
C PRO B 334 15.13 -7.24 -7.90
N TYR B 335 14.17 -6.93 -8.76
CA TYR B 335 12.88 -6.33 -8.36
C TYR B 335 11.90 -7.43 -7.95
N ALA B 336 10.82 -7.02 -7.26
CA ALA B 336 9.65 -7.87 -6.96
C ALA B 336 9.27 -8.65 -8.22
N GLU B 337 9.03 -9.96 -8.09
CA GLU B 337 8.74 -10.85 -9.24
C GLU B 337 7.46 -10.40 -9.93
N GLU B 338 6.51 -9.86 -9.14
CA GLU B 338 5.26 -9.26 -9.69
C GLU B 338 5.62 -8.35 -10.86
N MET B 339 6.69 -7.59 -10.74
CA MET B 339 7.06 -6.67 -11.85
C MET B 339 7.35 -7.49 -13.13
N LEU B 340 7.93 -8.68 -13.00
CA LEU B 340 8.34 -9.45 -14.21
C LEU B 340 7.11 -10.17 -14.76
N ASP B 341 6.17 -10.57 -13.89
CA ASP B 341 4.83 -11.08 -14.29
C ASP B 341 4.12 -9.98 -15.07
N TRP B 342 4.20 -8.74 -14.61
CA TRP B 342 3.58 -7.58 -15.32
C TRP B 342 4.23 -7.44 -16.70
N ALA B 343 5.56 -7.33 -16.75
CA ALA B 343 6.32 -7.15 -18.01
C ALA B 343 6.01 -8.29 -19.00
N ASP B 344 5.94 -9.53 -18.52
CA ASP B 344 5.58 -10.71 -19.36
C ASP B 344 4.24 -10.47 -20.04
N GLU B 345 3.25 -10.03 -19.27
CA GLU B 345 1.85 -9.95 -19.71
C GLU B 345 1.63 -8.79 -20.67
N HIS B 346 2.33 -7.67 -20.49
CA HIS B 346 2.15 -6.43 -21.27
C HIS B 346 3.26 -6.26 -22.31
N GLY B 347 4.21 -7.20 -22.37
CA GLY B 347 5.29 -7.16 -23.38
C GLY B 347 6.31 -6.06 -23.11
N ILE B 348 6.68 -5.84 -21.86
CA ILE B 348 7.70 -4.81 -21.49
C ILE B 348 9.04 -5.51 -21.50
N VAL B 349 10.05 -4.90 -22.11
CA VAL B 349 11.41 -5.50 -22.21
C VAL B 349 12.23 -5.09 -20.97
N VAL B 350 12.83 -6.05 -20.30
CA VAL B 350 13.55 -5.83 -19.00
C VAL B 350 15.02 -6.29 -19.09
N ILE B 351 15.93 -5.45 -18.62
CA ILE B 351 17.34 -5.82 -18.30
C ILE B 351 17.34 -6.16 -16.82
N ASP B 352 17.49 -7.42 -16.49
CA ASP B 352 17.39 -7.96 -15.13
C ASP B 352 18.77 -7.86 -14.45
N GLU B 353 18.89 -7.11 -13.36
CA GLU B 353 20.22 -6.84 -12.74
C GLU B 353 20.33 -7.46 -11.34
N THR B 354 21.55 -7.91 -10.96
CA THR B 354 21.89 -8.31 -9.57
C THR B 354 22.09 -7.08 -8.68
N ALA B 355 22.24 -7.32 -7.39
CA ALA B 355 22.47 -6.31 -6.35
C ALA B 355 23.93 -5.87 -6.29
N ALA B 356 24.80 -6.33 -7.22
CA ALA B 356 26.26 -6.05 -7.20
C ALA B 356 26.56 -4.64 -7.75
N VAL B 357 26.09 -3.60 -7.06
CA VAL B 357 26.54 -2.19 -7.22
C VAL B 357 27.49 -1.89 -6.05
N GLY B 358 28.39 -0.91 -6.19
CA GLY B 358 29.30 -0.53 -5.09
C GLY B 358 30.73 -1.10 -5.21
N PHE B 359 31.02 -1.87 -6.25
CA PHE B 359 32.33 -2.54 -6.44
C PHE B 359 33.27 -1.45 -6.97
N ASN B 360 33.41 -0.36 -6.22
CA ASN B 360 33.91 0.94 -6.74
C ASN B 360 34.14 1.86 -5.56
N LEU B 361 35.40 2.20 -5.34
CA LEU B 361 35.82 3.10 -4.26
C LEU B 361 36.09 4.51 -4.79
N SER B 362 35.73 4.85 -6.02
CA SER B 362 36.12 6.15 -6.61
C SER B 362 34.91 7.00 -6.99
N LEU B 363 33.73 6.81 -6.39
CA LEU B 363 32.55 7.67 -6.68
C LEU B 363 32.37 8.71 -5.56
N GLY B 364 31.33 9.56 -5.61
CA GLY B 364 31.00 10.55 -4.55
C GLY B 364 29.61 10.35 -3.94
N ASN B 371 40.06 5.70 5.77
CA ASN B 371 38.83 4.86 5.78
C ASN B 371 39.01 3.70 4.78
N LYS B 372 38.70 3.92 3.49
CA LYS B 372 38.51 2.91 2.41
C LYS B 372 39.84 2.26 2.03
N PRO B 373 39.93 0.91 1.85
CA PRO B 373 41.22 0.23 1.64
C PRO B 373 41.87 0.59 0.30
N LYS B 374 43.14 0.23 0.17
CA LYS B 374 44.06 0.74 -0.88
C LYS B 374 43.76 0.04 -2.21
N GLU B 375 43.53 -1.27 -2.19
CA GLU B 375 43.33 -2.08 -3.41
C GLU B 375 41.89 -2.57 -3.43
N LEU B 376 41.13 -2.26 -4.47
CA LEU B 376 39.69 -2.67 -4.56
C LEU B 376 39.58 -4.20 -4.61
N TYR B 377 40.41 -4.85 -5.42
CA TYR B 377 40.49 -6.33 -5.52
C TYR B 377 41.70 -6.72 -4.68
N SER B 378 41.47 -7.13 -3.42
CA SER B 378 42.49 -7.61 -2.44
C SER B 378 41.78 -8.40 -1.37
N GLU B 379 42.54 -9.10 -0.53
CA GLU B 379 42.02 -9.86 0.62
C GLU B 379 41.14 -8.96 1.49
N GLU B 380 41.48 -7.68 1.60
CA GLU B 380 40.89 -6.74 2.59
C GLU B 380 39.66 -6.06 1.96
N ALA B 381 39.34 -6.33 0.71
CA ALA B 381 38.15 -5.78 0.03
C ALA B 381 37.49 -6.86 -0.84
N VAL B 382 37.34 -6.63 -2.15
CA VAL B 382 36.69 -7.62 -3.05
C VAL B 382 37.69 -8.76 -3.19
N ASN B 383 37.37 -9.94 -2.69
CA ASN B 383 38.31 -11.09 -2.63
C ASN B 383 37.61 -12.33 -3.20
N GLY B 384 38.24 -13.51 -3.01
CA GLY B 384 37.70 -14.84 -3.38
C GLY B 384 36.29 -15.03 -2.86
N GLU B 385 36.06 -14.79 -1.57
CA GLU B 385 34.72 -14.98 -0.92
C GLU B 385 33.71 -14.00 -1.49
N THR B 386 34.12 -12.77 -1.79
CA THR B 386 33.22 -11.79 -2.47
C THR B 386 32.76 -12.40 -3.80
N GLN B 387 33.69 -12.87 -4.64
CA GLN B 387 33.39 -13.45 -5.98
C GLN B 387 32.43 -14.64 -5.84
N GLN B 388 32.63 -15.50 -4.84
CA GLN B 388 31.70 -16.61 -4.52
C GLN B 388 30.30 -16.03 -4.23
N ALA B 389 30.23 -14.98 -3.40
CA ALA B 389 28.94 -14.40 -2.98
C ALA B 389 28.23 -13.80 -4.20
N HIS B 390 29.01 -13.26 -5.13
CA HIS B 390 28.51 -12.62 -6.37
C HIS B 390 27.98 -13.73 -7.29
N LEU B 391 28.71 -14.83 -7.40
CA LEU B 391 28.25 -16.01 -8.19
C LEU B 391 26.90 -16.49 -7.65
N GLN B 392 26.80 -16.68 -6.34
CA GLN B 392 25.55 -17.07 -5.63
C GLN B 392 24.43 -16.09 -5.99
N ALA B 393 24.67 -14.77 -6.00
CA ALA B 393 23.63 -13.74 -6.32
C ALA B 393 23.18 -13.91 -7.77
N ILE B 394 24.10 -14.15 -8.70
CA ILE B 394 23.78 -14.45 -10.13
C ILE B 394 22.94 -15.73 -10.20
N LYS B 395 23.33 -16.79 -9.50
CA LYS B 395 22.61 -18.08 -9.54
C LYS B 395 21.17 -17.88 -9.06
N GLU B 396 20.99 -17.16 -7.96
CA GLU B 396 19.65 -16.98 -7.33
C GLU B 396 18.79 -16.16 -8.28
N LEU B 397 19.35 -15.14 -8.94
CA LEU B 397 18.57 -14.29 -9.88
C LEU B 397 18.08 -15.13 -11.06
N ILE B 398 19.01 -15.86 -11.70
CA ILE B 398 18.67 -16.67 -12.90
C ILE B 398 17.67 -17.77 -12.49
N ALA B 399 17.89 -18.45 -11.34
CA ALA B 399 17.00 -19.52 -10.85
C ALA B 399 15.58 -18.96 -10.70
N ARG B 400 15.43 -17.68 -10.33
CA ARG B 400 14.09 -17.07 -10.14
C ARG B 400 13.47 -16.66 -11.48
N ASP B 401 14.27 -16.10 -12.39
CA ASP B 401 13.78 -15.30 -13.54
C ASP B 401 14.04 -15.99 -14.89
N LYS B 402 14.68 -17.17 -14.91
CA LYS B 402 15.11 -17.88 -16.16
C LYS B 402 13.94 -18.06 -17.12
N ASN B 403 12.70 -18.13 -16.68
CA ASN B 403 11.57 -18.40 -17.59
C ASN B 403 10.82 -17.14 -17.99
N HIS B 404 11.07 -15.97 -17.39
CA HIS B 404 10.38 -14.70 -17.76
C HIS B 404 10.76 -14.27 -19.17
N PRO B 405 9.85 -14.34 -20.17
CA PRO B 405 10.15 -13.85 -21.51
C PRO B 405 10.48 -12.36 -21.57
N SER B 406 9.92 -11.54 -20.67
CA SER B 406 10.24 -10.08 -20.58
C SER B 406 11.74 -9.83 -20.35
N VAL B 407 12.42 -10.71 -19.61
CA VAL B 407 13.89 -10.57 -19.35
C VAL B 407 14.66 -10.95 -20.61
N VAL B 408 15.32 -9.97 -21.22
CA VAL B 408 16.06 -10.14 -22.50
C VAL B 408 17.58 -10.14 -22.26
N MET B 409 18.05 -9.83 -21.05
CA MET B 409 19.51 -9.67 -20.77
C MET B 409 19.76 -9.71 -19.27
N TRP B 410 20.88 -10.31 -18.86
CA TRP B 410 21.34 -10.28 -17.44
C TRP B 410 22.43 -9.20 -17.26
N SER B 411 22.26 -8.29 -16.32
CA SER B 411 23.34 -7.35 -15.91
C SER B 411 23.93 -7.90 -14.61
N ILE B 412 25.19 -8.28 -14.60
CA ILE B 412 25.78 -9.00 -13.43
C ILE B 412 26.31 -7.99 -12.43
N ALA B 413 26.37 -6.70 -12.79
CA ALA B 413 26.78 -5.60 -11.88
C ALA B 413 26.59 -4.22 -12.51
N ASN B 414 26.64 -3.19 -11.66
CA ASN B 414 26.53 -1.77 -12.07
C ASN B 414 27.78 -1.02 -11.61
N GLU B 415 28.55 -0.51 -12.57
CA GLU B 415 29.58 0.54 -12.38
C GLU B 415 30.73 0.02 -11.52
N PRO B 416 31.26 -1.20 -11.75
CA PRO B 416 32.51 -1.60 -11.10
C PRO B 416 33.67 -0.75 -11.64
N ASP B 417 34.63 -0.49 -10.77
CA ASP B 417 35.92 0.12 -11.15
C ASP B 417 36.74 -0.98 -11.83
N THR B 418 37.02 -0.81 -13.11
CA THR B 418 37.73 -1.87 -13.89
C THR B 418 39.17 -1.47 -14.14
N ARG B 419 39.61 -0.32 -13.64
CA ARG B 419 41.02 0.14 -13.83
C ARG B 419 41.96 -0.72 -12.99
N PRO B 420 41.71 -0.94 -11.68
CA PRO B 420 42.67 -1.58 -10.79
C PRO B 420 43.04 -3.00 -11.22
N GLN B 421 44.19 -3.45 -10.71
CA GLN B 421 44.74 -4.78 -11.00
C GLN B 421 43.76 -5.81 -10.43
N GLY B 422 43.36 -6.79 -11.23
CA GLY B 422 42.57 -7.92 -10.73
C GLY B 422 41.11 -7.87 -11.14
N ALA B 423 40.67 -6.76 -11.75
CA ALA B 423 39.26 -6.54 -12.17
C ALA B 423 38.85 -7.66 -13.13
N ARG B 424 39.59 -7.81 -14.22
CA ARG B 424 39.33 -8.82 -15.27
C ARG B 424 39.39 -10.22 -14.63
N GLU B 425 40.34 -10.47 -13.73
CA GLU B 425 40.52 -11.79 -13.08
C GLU B 425 39.29 -12.10 -12.21
N TYR B 426 38.70 -11.07 -11.62
CA TYR B 426 37.46 -11.17 -10.81
C TYR B 426 36.26 -11.43 -11.74
N PHE B 427 36.15 -10.69 -12.84
CA PHE B 427 34.92 -10.70 -13.68
C PHE B 427 34.88 -11.88 -14.67
N ALA B 428 36.02 -12.36 -15.20
CA ALA B 428 36.06 -13.41 -16.25
C ALA B 428 35.24 -14.63 -15.83
N PRO B 429 35.55 -15.26 -14.68
CA PRO B 429 34.79 -16.42 -14.21
C PRO B 429 33.30 -16.11 -14.04
N LEU B 430 32.93 -14.87 -13.72
CA LEU B 430 31.51 -14.52 -13.47
C LEU B 430 30.76 -14.46 -14.80
N ALA B 431 31.41 -13.88 -15.81
CA ALA B 431 30.88 -13.81 -17.19
C ALA B 431 30.68 -15.25 -17.69
N GLU B 432 31.68 -16.13 -17.59
CA GLU B 432 31.60 -17.54 -18.06
C GLU B 432 30.45 -18.26 -17.34
N ALA B 433 30.40 -18.21 -16.00
CA ALA B 433 29.41 -18.96 -15.19
C ALA B 433 28.00 -18.46 -15.53
N THR B 434 27.83 -17.17 -15.83
CA THR B 434 26.49 -16.62 -16.18
C THR B 434 26.00 -17.31 -17.46
N ARG B 435 26.85 -17.43 -18.47
CA ARG B 435 26.50 -18.02 -19.79
C ARG B 435 26.11 -19.49 -19.60
N LYS B 436 26.79 -20.24 -18.72
CA LYS B 436 26.48 -21.68 -18.47
C LYS B 436 25.12 -21.78 -17.77
N LEU B 437 24.85 -20.92 -16.80
CA LEU B 437 23.57 -20.91 -16.04
C LEU B 437 22.38 -20.59 -16.96
N ASP B 438 22.55 -19.74 -17.98
CA ASP B 438 21.49 -19.46 -18.98
C ASP B 438 22.12 -19.05 -20.32
N PRO B 439 22.26 -20.01 -21.26
CA PRO B 439 22.84 -19.73 -22.57
C PRO B 439 21.94 -18.92 -23.51
N THR B 440 20.70 -18.61 -23.09
CA THR B 440 19.64 -18.15 -24.03
C THR B 440 19.56 -16.63 -24.06
N ARG B 441 20.27 -15.95 -23.16
CA ARG B 441 20.15 -14.49 -23.04
C ARG B 441 21.53 -13.86 -23.06
N PRO B 442 21.71 -12.72 -23.71
CA PRO B 442 22.99 -12.03 -23.67
C PRO B 442 23.26 -11.53 -22.25
N ILE B 443 24.52 -11.26 -21.93
CA ILE B 443 24.90 -10.70 -20.60
C ILE B 443 25.57 -9.34 -20.79
N THR B 444 25.53 -8.49 -19.75
CA THR B 444 26.19 -7.17 -19.68
C THR B 444 26.78 -6.94 -18.28
N CYS B 445 27.64 -5.96 -18.19
CA CYS B 445 28.17 -5.41 -16.93
C CYS B 445 28.09 -3.91 -17.10
N VAL B 446 27.21 -3.24 -16.36
CA VAL B 446 26.92 -1.83 -16.68
C VAL B 446 28.13 -0.97 -16.30
N ASN B 447 28.50 -0.07 -17.20
CA ASN B 447 29.84 0.56 -17.23
C ASN B 447 29.79 1.98 -16.64
N VAL B 448 30.71 2.25 -15.71
CA VAL B 448 30.89 3.59 -15.07
C VAL B 448 31.62 4.53 -16.03
N MET B 449 31.29 5.83 -15.95
CA MET B 449 31.72 6.87 -16.92
C MET B 449 33.25 6.99 -16.98
N PHE B 450 33.92 6.97 -15.85
CA PHE B 450 35.39 7.21 -15.85
C PHE B 450 36.11 5.97 -16.39
N CYS B 451 35.50 4.78 -16.46
CA CYS B 451 36.05 3.59 -17.16
C CYS B 451 35.62 3.69 -18.64
N ASP B 452 36.17 4.70 -19.34
CA ASP B 452 35.87 5.09 -20.73
C ASP B 452 36.43 4.05 -21.72
N ALA B 453 36.19 4.28 -23.01
CA ALA B 453 36.57 3.36 -24.11
C ALA B 453 38.07 3.06 -24.02
N HIS B 454 38.88 4.04 -23.65
CA HIS B 454 40.35 3.93 -23.63
C HIS B 454 40.87 3.33 -22.31
N THR B 455 40.01 3.11 -21.32
CA THR B 455 40.39 2.84 -19.91
C THR B 455 39.90 1.45 -19.46
N ASP B 456 38.66 1.10 -19.82
CA ASP B 456 37.92 -0.10 -19.33
C ASP B 456 38.64 -1.38 -19.76
N THR B 457 38.61 -2.43 -18.95
CA THR B 457 39.42 -3.67 -19.13
C THR B 457 38.55 -4.93 -19.27
N ILE B 458 37.22 -4.85 -19.22
CA ILE B 458 36.40 -6.10 -19.13
C ILE B 458 35.27 -6.16 -20.19
N SER B 459 35.01 -5.12 -20.97
CA SER B 459 33.80 -5.04 -21.85
C SER B 459 33.80 -6.13 -22.92
N ASP B 460 34.97 -6.65 -23.31
CA ASP B 460 35.07 -7.72 -24.33
C ASP B 460 34.43 -9.01 -23.79
N LEU B 461 34.37 -9.20 -22.47
CA LEU B 461 33.83 -10.45 -21.89
C LEU B 461 32.29 -10.49 -21.97
N PHE B 462 31.63 -9.41 -22.39
CA PHE B 462 30.16 -9.23 -22.31
C PHE B 462 29.60 -9.04 -23.72
N ASP B 463 28.27 -9.01 -23.92
CA ASP B 463 27.66 -9.08 -25.28
C ASP B 463 27.18 -7.71 -25.70
N VAL B 464 26.69 -6.92 -24.73
CA VAL B 464 26.08 -5.60 -25.00
C VAL B 464 26.79 -4.56 -24.10
N LEU B 465 27.07 -3.40 -24.66
CA LEU B 465 27.70 -2.26 -23.94
C LEU B 465 26.61 -1.37 -23.32
N CYS B 466 26.42 -1.47 -22.02
CA CYS B 466 25.48 -0.65 -21.23
C CYS B 466 26.30 0.45 -20.52
N LEU B 467 26.25 1.66 -21.07
CA LEU B 467 27.04 2.85 -20.64
C LEU B 467 26.17 3.80 -19.81
N ASN B 468 26.69 4.20 -18.67
CA ASN B 468 26.11 5.22 -17.78
C ASN B 468 26.90 6.51 -18.03
N ARG B 469 26.26 7.55 -18.54
CA ARG B 469 26.96 8.81 -18.93
C ARG B 469 26.25 10.05 -18.35
N TYR B 470 27.01 11.03 -17.85
CA TYR B 470 26.47 12.29 -17.25
C TYR B 470 27.44 13.46 -17.52
N TYR B 471 27.98 13.51 -18.75
CA TYR B 471 28.68 14.70 -19.30
C TYR B 471 27.68 15.86 -19.24
N GLY B 472 28.10 17.05 -18.82
CA GLY B 472 27.26 18.26 -18.68
C GLY B 472 26.71 18.41 -17.25
N TRP B 473 27.03 17.46 -16.38
CA TRP B 473 26.58 17.44 -14.97
C TRP B 473 27.80 17.45 -14.05
N TYR B 474 28.37 16.27 -13.71
CA TYR B 474 29.50 16.07 -12.76
C TYR B 474 30.76 16.63 -13.41
N VAL B 475 30.80 16.71 -14.74
CA VAL B 475 31.89 17.38 -15.54
C VAL B 475 31.24 18.16 -16.69
N GLN B 476 31.99 19.06 -17.34
CA GLN B 476 31.47 20.11 -18.27
C GLN B 476 30.16 20.66 -17.69
N SER B 477 30.17 20.98 -16.41
CA SER B 477 28.96 21.37 -15.65
C SER B 477 28.26 22.51 -16.37
N GLY B 478 27.02 22.29 -16.84
CA GLY B 478 26.17 23.37 -17.36
C GLY B 478 26.53 23.79 -18.77
N ASP B 479 27.45 23.08 -19.42
CA ASP B 479 27.99 23.41 -20.76
C ASP B 479 27.58 22.32 -21.78
N LEU B 480 26.39 22.45 -22.39
CA LEU B 480 25.80 21.44 -23.32
C LEU B 480 26.68 21.26 -24.56
N GLU B 481 27.34 22.34 -24.97
CA GLU B 481 28.11 22.43 -26.22
C GLU B 481 29.37 21.54 -26.08
N THR B 482 30.09 21.65 -24.97
CA THR B 482 31.27 20.79 -24.70
C THR B 482 30.79 19.38 -24.38
N ALA B 483 29.74 19.22 -23.57
CA ALA B 483 29.25 17.89 -23.16
C ALA B 483 28.96 17.08 -24.41
N GLU B 484 28.34 17.71 -25.42
CA GLU B 484 27.86 17.06 -26.68
C GLU B 484 29.07 16.51 -27.44
N LYS B 485 30.13 17.31 -27.54
CA LYS B 485 31.40 16.93 -28.21
C LYS B 485 32.01 15.72 -27.52
N VAL B 486 32.19 15.79 -26.20
CA VAL B 486 32.84 14.71 -25.41
C VAL B 486 31.98 13.44 -25.58
N LEU B 487 30.66 13.54 -25.48
CA LEU B 487 29.75 12.36 -25.47
C LEU B 487 29.86 11.65 -26.83
N GLU B 488 29.66 12.39 -27.93
CA GLU B 488 29.67 11.81 -29.30
C GLU B 488 31.02 11.12 -29.49
N LYS B 489 32.10 11.81 -29.14
CA LYS B 489 33.48 11.29 -29.30
C LYS B 489 33.58 9.94 -28.59
N GLU B 490 33.05 9.83 -27.38
CA GLU B 490 33.26 8.62 -26.53
C GLU B 490 32.42 7.46 -27.09
N LEU B 491 31.20 7.74 -27.58
CA LEU B 491 30.30 6.67 -28.09
C LEU B 491 30.94 6.08 -29.35
N LEU B 492 31.45 6.93 -30.24
CA LEU B 492 32.08 6.50 -31.51
C LEU B 492 33.36 5.71 -31.18
N ALA B 493 34.14 6.13 -30.20
CA ALA B 493 35.35 5.39 -29.79
C ALA B 493 34.93 4.02 -29.26
N TRP B 494 33.79 3.89 -28.57
CA TRP B 494 33.30 2.55 -28.11
C TRP B 494 32.88 1.67 -29.30
N GLN B 495 32.19 2.27 -30.28
CA GLN B 495 31.72 1.56 -31.49
C GLN B 495 32.95 1.00 -32.19
N GLU B 496 33.98 1.83 -32.39
CA GLU B 496 35.29 1.45 -33.03
C GLU B 496 35.93 0.31 -32.23
N LYS B 497 35.96 0.39 -30.90
CA LYS B 497 36.72 -0.56 -30.04
C LYS B 497 36.06 -1.95 -30.06
N LEU B 498 34.74 -2.06 -29.91
CA LEU B 498 34.13 -3.39 -29.64
C LEU B 498 33.06 -3.77 -30.67
N HIS B 499 32.51 -2.82 -31.43
CA HIS B 499 31.40 -3.09 -32.40
C HIS B 499 30.34 -4.00 -31.75
N GLN B 500 29.88 -3.58 -30.57
CA GLN B 500 28.71 -4.18 -29.86
C GLN B 500 27.56 -3.19 -29.95
N PRO B 501 26.30 -3.66 -29.71
CA PRO B 501 25.18 -2.75 -29.49
C PRO B 501 25.48 -1.99 -28.20
N ILE B 502 25.20 -0.69 -28.23
CA ILE B 502 25.33 0.22 -27.08
C ILE B 502 23.92 0.60 -26.61
N ILE B 503 23.68 0.37 -25.33
CA ILE B 503 22.51 0.92 -24.61
C ILE B 503 23.05 1.98 -23.63
N ILE B 504 22.56 3.22 -23.72
CA ILE B 504 22.83 4.22 -22.65
C ILE B 504 21.87 3.92 -21.51
N THR B 505 22.36 3.27 -20.45
CA THR B 505 21.52 2.71 -19.37
C THR B 505 21.37 3.76 -18.23
N GLU B 506 21.90 4.97 -18.42
CA GLU B 506 21.87 6.06 -17.42
C GLU B 506 22.27 7.39 -18.06
N TYR B 507 21.33 8.29 -18.17
CA TYR B 507 21.59 9.71 -18.51
C TYR B 507 20.48 10.50 -17.81
N GLY B 508 20.86 11.53 -17.07
CA GLY B 508 19.96 12.38 -16.28
C GLY B 508 20.75 13.42 -15.52
N VAL B 509 20.03 14.44 -15.04
CA VAL B 509 20.61 15.58 -14.29
C VAL B 509 19.65 15.87 -13.13
N ASP B 510 20.18 16.27 -11.99
CA ASP B 510 19.31 16.64 -10.87
C ASP B 510 18.45 17.83 -11.30
N THR B 511 17.17 17.73 -10.98
CA THR B 511 16.15 18.71 -11.40
C THR B 511 15.22 18.91 -10.22
N LEU B 512 15.21 20.11 -9.66
CA LEU B 512 14.30 20.42 -8.54
C LEU B 512 12.95 20.82 -9.17
N ALA B 513 11.93 19.98 -9.06
CA ALA B 513 10.56 20.33 -9.53
C ALA B 513 10.23 21.74 -9.04
N GLY B 514 9.79 22.57 -9.96
CA GLY B 514 9.32 23.93 -9.68
C GLY B 514 10.42 24.94 -9.82
N LEU B 515 11.67 24.50 -10.00
CA LEU B 515 12.78 25.45 -10.25
C LEU B 515 12.81 25.78 -11.75
N HIS B 516 12.60 27.03 -12.07
CA HIS B 516 12.42 27.55 -13.43
C HIS B 516 13.43 28.66 -13.64
N SER B 517 14.03 28.69 -14.81
CA SER B 517 15.18 29.57 -15.13
C SER B 517 15.14 29.96 -16.60
N MET B 518 15.28 31.24 -16.86
CA MET B 518 15.49 31.81 -18.22
C MET B 518 16.91 31.52 -18.69
N TYR B 519 17.81 31.09 -17.81
CA TYR B 519 19.24 30.88 -18.14
C TYR B 519 19.49 29.41 -18.48
N THR B 520 18.46 28.54 -18.41
CA THR B 520 18.58 27.09 -18.67
C THR B 520 19.79 26.54 -17.90
N ASP B 521 19.84 26.74 -16.59
CA ASP B 521 21.07 26.40 -15.83
C ASP B 521 20.75 25.25 -14.88
N MET B 522 21.81 24.65 -14.39
CA MET B 522 21.73 23.39 -13.65
C MET B 522 20.65 23.51 -12.57
N TRP B 523 19.94 22.40 -12.35
CA TRP B 523 18.89 22.11 -11.33
C TRP B 523 17.51 22.56 -11.81
N SER B 524 17.45 23.40 -12.85
CA SER B 524 16.18 23.89 -13.44
C SER B 524 15.50 22.81 -14.30
N GLU B 525 14.19 22.85 -14.35
CA GLU B 525 13.38 22.02 -15.28
C GLU B 525 13.82 22.24 -16.73
N GLU B 526 14.20 23.48 -17.08
CA GLU B 526 14.51 23.85 -18.47
C GLU B 526 15.83 23.18 -18.83
N TYR B 527 16.81 23.10 -17.89
CA TYR B 527 18.11 22.43 -18.11
C TYR B 527 17.85 20.94 -18.36
N GLN B 528 17.03 20.31 -17.53
CA GLN B 528 16.76 18.86 -17.68
C GLN B 528 16.31 18.58 -19.12
N CYS B 529 15.38 19.39 -19.67
CA CYS B 529 14.85 19.26 -21.05
C CYS B 529 15.96 19.49 -22.09
N ALA B 530 16.75 20.57 -21.98
CA ALA B 530 17.82 20.91 -22.94
C ALA B 530 18.90 19.81 -22.93
N TRP B 531 19.20 19.28 -21.77
CA TRP B 531 20.29 18.29 -21.62
C TRP B 531 19.83 16.93 -22.15
N LEU B 532 18.60 16.50 -21.88
CA LEU B 532 18.10 15.21 -22.42
C LEU B 532 18.02 15.31 -23.94
N ASP B 533 17.65 16.48 -24.43
CA ASP B 533 17.48 16.73 -25.87
C ASP B 533 18.83 16.60 -26.58
N MET B 534 19.89 17.12 -25.97
CA MET B 534 21.25 17.09 -26.55
C MET B 534 21.71 15.63 -26.62
N TYR B 535 21.50 14.87 -25.55
CA TYR B 535 21.83 13.43 -25.55
C TYR B 535 21.11 12.72 -26.70
N HIS B 536 19.80 12.93 -26.83
CA HIS B 536 18.96 12.29 -27.87
C HIS B 536 19.53 12.54 -29.27
N ARG B 537 19.91 13.79 -29.57
CA ARG B 537 20.41 14.20 -30.90
C ARG B 537 21.68 13.39 -31.20
N VAL B 538 22.58 13.27 -30.23
CA VAL B 538 23.85 12.50 -30.33
C VAL B 538 23.50 11.02 -30.52
N PHE B 539 22.61 10.45 -29.72
CA PHE B 539 22.28 9.00 -29.82
C PHE B 539 21.84 8.70 -31.25
N ASP B 540 20.95 9.56 -31.78
CA ASP B 540 20.38 9.36 -33.13
C ASP B 540 21.46 9.45 -34.22
N ARG B 541 22.63 10.05 -33.96
CA ARG B 541 23.70 10.17 -34.98
C ARG B 541 24.67 9.00 -34.88
N VAL B 542 24.51 8.11 -33.92
CA VAL B 542 25.46 6.98 -33.66
C VAL B 542 24.72 5.65 -33.90
N SER B 543 25.13 4.88 -34.91
CA SER B 543 24.35 3.74 -35.45
C SER B 543 24.38 2.58 -34.46
N ALA B 544 25.37 2.57 -33.57
CA ALA B 544 25.58 1.49 -32.57
C ALA B 544 24.64 1.68 -31.37
N VAL B 545 24.03 2.83 -31.19
CA VAL B 545 23.15 3.05 -30.00
C VAL B 545 21.80 2.42 -30.28
N VAL B 546 21.47 1.35 -29.55
CA VAL B 546 20.21 0.58 -29.74
C VAL B 546 19.27 0.83 -28.54
N GLY B 547 19.61 1.76 -27.65
CA GLY B 547 18.67 2.06 -26.55
C GLY B 547 19.09 3.24 -25.70
N GLU B 548 18.13 3.71 -24.89
CA GLU B 548 18.22 4.92 -24.03
C GLU B 548 17.25 4.70 -22.85
N GLN B 549 17.79 4.66 -21.65
CA GLN B 549 17.05 4.50 -20.40
C GLN B 549 17.43 5.68 -19.55
N VAL B 550 16.45 6.55 -19.28
CA VAL B 550 16.66 7.84 -18.60
C VAL B 550 16.86 7.49 -17.13
N TRP B 551 17.83 8.17 -16.51
CA TRP B 551 18.06 8.12 -15.05
C TRP B 551 17.38 9.34 -14.44
N ASN B 552 16.39 9.18 -13.55
CA ASN B 552 15.70 7.97 -13.17
C ASN B 552 14.20 8.20 -13.43
N PHE B 553 13.39 7.16 -13.38
CA PHE B 553 11.92 7.26 -13.49
C PHE B 553 11.40 8.32 -12.49
N ALA B 554 11.84 8.23 -11.24
CA ALA B 554 11.34 9.15 -10.19
C ALA B 554 12.41 9.43 -9.15
N ASP B 555 12.37 10.63 -8.58
CA ASP B 555 13.18 11.04 -7.41
C ASP B 555 13.15 9.96 -6.36
N PHE B 556 14.28 9.67 -5.69
CA PHE B 556 14.37 8.53 -4.74
C PHE B 556 15.35 8.89 -3.61
N ALA B 557 15.21 8.22 -2.47
CA ALA B 557 15.98 8.51 -1.25
C ALA B 557 17.40 8.01 -1.38
N THR B 558 18.34 8.76 -0.81
CA THR B 558 19.78 8.42 -0.74
C THR B 558 20.23 8.63 0.71
N SER B 559 21.41 8.12 0.99
CA SER B 559 22.25 8.56 2.12
C SER B 559 22.30 10.10 2.08
N GLN B 560 22.30 10.71 3.27
CA GLN B 560 22.37 12.16 3.45
C GLN B 560 23.74 12.65 2.96
N GLY B 561 23.78 13.78 2.24
CA GLY B 561 25.04 14.46 1.98
C GLY B 561 24.86 15.69 1.14
N ILE B 562 25.93 16.45 0.98
CA ILE B 562 25.91 17.78 0.30
C ILE B 562 25.52 17.66 -1.18
N LEU B 563 25.60 16.48 -1.82
CA LEU B 563 25.25 16.32 -3.27
C LEU B 563 23.75 16.02 -3.45
N ARG B 564 23.01 15.74 -2.36
CA ARG B 564 21.66 15.18 -2.45
C ARG B 564 20.69 16.06 -1.65
N VAL B 565 19.84 16.78 -2.37
CA VAL B 565 18.86 17.77 -1.84
C VAL B 565 17.60 16.99 -1.44
N GLY B 566 17.64 16.38 -0.24
CA GLY B 566 16.60 15.50 0.27
C GLY B 566 16.53 14.23 -0.54
N GLY B 567 17.58 13.85 -1.27
CA GLY B 567 17.63 12.62 -2.05
C GLY B 567 18.13 12.90 -3.44
N ASN B 568 17.95 11.92 -4.31
CA ASN B 568 18.33 11.99 -5.75
C ASN B 568 17.18 12.66 -6.47
N LYS B 569 17.44 13.79 -7.15
CA LYS B 569 16.44 14.59 -7.89
C LYS B 569 16.59 14.46 -9.40
N LYS B 570 17.14 13.36 -9.89
CA LYS B 570 17.26 13.09 -11.33
C LYS B 570 15.96 12.52 -11.90
N GLY B 571 14.91 12.40 -11.09
CA GLY B 571 13.64 11.84 -11.54
C GLY B 571 13.04 12.62 -12.71
N ILE B 572 12.31 11.91 -13.53
CA ILE B 572 11.46 12.52 -14.59
C ILE B 572 10.17 12.92 -13.88
N PHE B 573 9.80 12.10 -12.90
CA PHE B 573 8.69 12.29 -11.95
C PHE B 573 9.26 12.56 -10.56
N THR B 574 8.49 13.26 -9.73
CA THR B 574 8.78 13.41 -8.29
C THR B 574 8.52 12.08 -7.59
N ARG B 575 9.00 11.95 -6.36
CA ARG B 575 8.75 10.71 -5.58
C ARG B 575 7.24 10.51 -5.41
N ASP B 576 6.46 11.59 -5.39
CA ASP B 576 4.96 11.48 -5.31
C ASP B 576 4.35 11.34 -6.71
N ARG B 577 5.19 11.09 -7.73
CA ARG B 577 4.75 10.70 -9.11
C ARG B 577 4.17 11.86 -9.90
N LYS B 578 4.54 13.10 -9.57
CA LYS B 578 4.13 14.27 -10.39
C LYS B 578 5.18 14.49 -11.46
N PRO B 579 4.77 14.87 -12.69
CA PRO B 579 5.72 15.01 -13.80
C PRO B 579 6.43 16.34 -13.73
N LYS B 580 7.73 16.34 -14.04
CA LYS B 580 8.53 17.55 -14.38
C LYS B 580 8.36 17.82 -15.88
N SER B 581 8.74 18.99 -16.40
CA SER B 581 8.71 19.35 -17.85
C SER B 581 9.27 18.21 -18.71
N ALA B 582 10.30 17.53 -18.26
CA ALA B 582 11.08 16.55 -19.06
C ALA B 582 10.21 15.31 -19.34
N ALA B 583 9.16 15.06 -18.55
CA ALA B 583 8.22 13.93 -18.82
C ALA B 583 7.50 14.16 -20.14
N PHE B 584 7.15 15.41 -20.44
CA PHE B 584 6.46 15.80 -21.71
C PHE B 584 7.44 15.74 -22.91
N LEU B 585 8.70 16.09 -22.69
CA LEU B 585 9.75 15.95 -23.72
C LEU B 585 9.84 14.46 -24.08
N LEU B 586 9.94 13.58 -23.11
CA LEU B 586 10.09 12.13 -23.41
C LEU B 586 8.83 11.57 -24.06
N GLN B 587 7.69 11.99 -23.57
CA GLN B 587 6.38 11.59 -24.15
C GLN B 587 6.39 11.84 -25.68
N LYS B 588 6.76 13.05 -26.12
CA LYS B 588 6.80 13.42 -27.56
C LYS B 588 7.84 12.57 -28.30
N ARG B 589 9.07 12.47 -27.80
CA ARG B 589 10.10 11.66 -28.52
C ARG B 589 9.66 10.20 -28.58
N TRP B 590 9.26 9.62 -27.46
CA TRP B 590 9.05 8.15 -27.41
C TRP B 590 7.71 7.73 -28.06
N THR B 591 6.65 8.55 -28.05
CA THR B 591 5.39 8.19 -28.72
C THR B 591 5.46 8.64 -30.18
N GLY B 592 6.34 9.58 -30.51
CA GLY B 592 6.52 10.07 -31.89
C GLY B 592 7.41 9.16 -32.72
N MET B 593 8.27 8.34 -32.13
CA MET B 593 9.05 7.40 -32.96
C MET B 593 8.13 6.23 -33.39
N ASN B 594 8.57 5.40 -34.33
CA ASN B 594 7.96 4.07 -34.58
C ASN B 594 8.36 3.13 -33.45
N PHE B 595 7.39 2.38 -32.92
CA PHE B 595 7.63 1.42 -31.83
C PHE B 595 8.86 0.55 -32.11
N GLY B 596 9.82 0.51 -31.19
CA GLY B 596 11.00 -0.37 -31.20
C GLY B 596 11.97 -0.04 -32.32
N GLU B 597 11.93 1.16 -32.89
CA GLU B 597 12.77 1.56 -34.03
C GLU B 597 13.53 2.85 -33.74
N LYS B 598 14.85 2.79 -33.88
CA LYS B 598 15.80 3.90 -33.71
C LYS B 598 15.24 5.16 -34.37
N PRO B 599 15.07 6.31 -33.66
CA PRO B 599 14.66 7.56 -34.31
C PRO B 599 15.68 7.99 -35.38
N GLN B 600 15.43 9.09 -36.11
CA GLN B 600 16.18 9.38 -37.39
C GLN B 600 16.83 10.78 -37.37
#